data_4LL4
#
_entry.id   4LL4
#
_cell.length_a   79.826
_cell.length_b   64.990
_cell.length_c   88.416
_cell.angle_alpha   90.00
_cell.angle_beta   90.88
_cell.angle_gamma   90.00
#
_symmetry.space_group_name_H-M   'P 1 21 1'
#
loop_
_entity.id
_entity.type
_entity.pdbx_description
1 polymer 'Thioredoxin-interacting protein'
2 polymer Thioredoxin
3 water water
#
loop_
_entity_poly.entity_id
_entity_poly.type
_entity_poly.pdbx_seq_one_letter_code
_entity_poly.pdbx_strand_id
1 'polypeptide(L)'
;MFKKIKSFEVVFNDPEKVYGSGEKVAGRVIVEVCEVTRVKAVRILACGVAKVLWMQGSQQCKQTSEYLRYEDTLLLEDQP
TGENEMVIMRPGNKYEYKFGFELPQGPLGTSFKGKYGCVDYWVKAFLDRPSQPTQETKKNFEVVDLVDVNTPDLMAPVSA
KKEKKVSSMFIPDGRVSVSARIDRKGFCEGDEISIHADFENTSSRIVVPKAAIVARHTYLANGQTKVLTQKLSSVRGNHI
ISGTCASWRGKSLRVQKIRPSILGSNILRVEYSLLIYVSVPGSKKVILDLPLVIGSRSGLSSRTSSMASRTSSEM
;
A,C
2 'polypeptide(L)'
;MVKQIESKTAFQEALDAAGDKLVVVDFSATWCGPAKMIKPFFHSLSEKYSNVIFLEVDVDDCQDVASECEVKCMPTFQFF
KKGQKVGEFSGANKEKLEATINELV
;
B,D
#
# COMPACT_ATOMS: atom_id res chain seq x y z
N ILE A 5 18.20 26.13 -15.90
CA ILE A 5 18.27 24.64 -16.07
C ILE A 5 17.97 24.38 -17.50
N LYS A 6 18.68 23.43 -18.09
CA LYS A 6 18.67 23.20 -19.55
C LYS A 6 17.51 22.36 -20.03
N SER A 7 17.03 21.47 -19.17
CA SER A 7 15.97 20.50 -19.48
C SER A 7 15.61 19.63 -18.28
N PHE A 8 14.30 19.55 -18.01
CA PHE A 8 13.70 18.83 -16.89
C PHE A 8 12.41 18.14 -17.33
N GLU A 9 12.45 16.83 -17.57
CA GLU A 9 11.27 16.21 -18.19
C GLU A 9 10.84 14.88 -17.57
N VAL A 10 9.54 14.58 -17.67
CA VAL A 10 9.02 13.33 -17.18
C VAL A 10 8.81 12.51 -18.41
N VAL A 11 9.43 11.33 -18.50
CA VAL A 11 9.20 10.53 -19.70
C VAL A 11 8.88 9.07 -19.41
N PHE A 12 7.78 8.61 -19.99
CA PHE A 12 7.23 7.30 -19.67
C PHE A 12 7.85 6.37 -20.64
N ASN A 13 8.00 5.12 -20.26
CA ASN A 13 8.57 4.14 -21.18
C ASN A 13 7.86 3.90 -22.48
N ASP A 14 6.53 3.83 -22.43
CA ASP A 14 5.70 3.94 -23.63
C ASP A 14 4.98 5.29 -23.57
N PRO A 15 5.57 6.31 -24.22
CA PRO A 15 5.02 7.67 -24.19
C PRO A 15 3.63 7.78 -24.82
N GLU A 16 3.24 6.76 -25.60
CA GLU A 16 1.96 6.73 -26.29
C GLU A 16 0.86 5.87 -25.60
N LYS A 17 1.18 5.35 -24.40
CA LYS A 17 0.30 4.45 -23.68
C LYS A 17 -0.72 5.17 -22.87
N VAL A 18 -1.92 4.60 -22.87
CA VAL A 18 -2.99 4.92 -21.96
C VAL A 18 -3.14 3.67 -21.11
N TYR A 19 -3.32 3.86 -19.80
CA TYR A 19 -3.11 2.79 -18.83
C TYR A 19 -4.40 2.23 -18.20
N GLY A 20 -4.29 1.01 -17.65
CA GLY A 20 -5.45 0.34 -17.00
C GLY A 20 -5.39 -0.16 -15.56
N SER A 21 -6.57 -0.41 -14.97
CA SER A 21 -6.74 -0.76 -13.54
C SER A 21 -5.77 -1.87 -13.11
N GLY A 22 -5.16 -1.68 -11.94
CA GLY A 22 -4.07 -2.57 -11.52
C GLY A 22 -2.75 -2.50 -12.29
N GLU A 23 -2.68 -1.72 -13.36
CA GLU A 23 -1.45 -1.65 -14.17
C GLU A 23 -0.33 -0.69 -13.72
N LYS A 24 0.87 -0.90 -14.25
CA LYS A 24 2.09 -0.25 -13.77
C LYS A 24 2.73 0.84 -14.62
N VAL A 25 2.69 2.07 -14.13
CA VAL A 25 3.26 3.22 -14.82
C VAL A 25 4.69 3.51 -14.42
N ALA A 26 5.59 3.58 -15.38
CA ALA A 26 7.03 3.72 -15.09
C ALA A 26 7.78 4.53 -16.13
N GLY A 27 8.99 4.95 -15.76
CA GLY A 27 9.84 5.71 -16.67
C GLY A 27 10.84 6.54 -15.93
N ARG A 28 11.02 7.75 -16.36
CA ARG A 28 12.02 8.50 -15.65
C ARG A 28 11.93 9.99 -15.79
N VAL A 29 12.56 10.64 -14.84
CA VAL A 29 12.67 12.06 -14.87
C VAL A 29 14.10 12.30 -15.34
N ILE A 30 14.26 13.20 -16.30
CA ILE A 30 15.57 13.39 -16.85
C ILE A 30 15.91 14.87 -16.73
N VAL A 31 17.13 15.10 -16.25
CA VAL A 31 17.67 16.44 -15.93
C VAL A 31 19.02 16.63 -16.63
N GLU A 32 19.14 17.80 -17.29
CA GLU A 32 20.38 18.34 -17.88
C GLU A 32 20.53 19.83 -17.49
N VAL A 33 21.74 20.23 -17.10
CA VAL A 33 21.96 21.64 -16.79
C VAL A 33 23.02 22.22 -17.69
N CYS A 34 22.94 23.54 -17.86
CA CYS A 34 24.02 24.29 -18.56
C CYS A 34 25.33 24.26 -17.76
N GLU A 35 25.35 24.98 -16.63
CA GLU A 35 26.48 25.01 -15.74
C GLU A 35 26.26 24.08 -14.55
N VAL A 36 27.36 23.65 -13.92
CA VAL A 36 27.31 22.81 -12.72
C VAL A 36 26.19 23.25 -11.77
N THR A 37 25.57 22.23 -11.15
CA THR A 37 24.49 22.48 -10.24
C THR A 37 24.46 21.51 -9.07
N ARG A 38 24.46 22.09 -7.89
CA ARG A 38 24.12 21.37 -6.72
C ARG A 38 22.60 21.24 -6.74
N VAL A 39 22.15 20.00 -6.61
CA VAL A 39 20.76 19.61 -6.62
C VAL A 39 20.41 19.00 -5.26
N LYS A 40 19.28 19.40 -4.71
CA LYS A 40 18.94 18.98 -3.40
C LYS A 40 18.04 17.75 -3.42
N ALA A 41 17.25 17.54 -4.47
CA ALA A 41 16.36 16.36 -4.54
C ALA A 41 15.59 16.32 -5.85
N VAL A 42 15.08 15.15 -6.23
CA VAL A 42 14.14 15.12 -7.36
C VAL A 42 13.00 14.37 -6.80
N ARG A 43 11.78 14.87 -6.88
CA ARG A 43 10.64 14.12 -6.23
C ARG A 43 9.42 14.02 -7.12
N ILE A 44 8.60 12.99 -6.92
CA ILE A 44 7.41 12.84 -7.79
C ILE A 44 6.13 12.79 -6.99
N LEU A 45 5.08 13.36 -7.61
CA LEU A 45 3.72 13.17 -7.19
C LEU A 45 2.89 12.65 -8.39
N ALA A 46 2.14 11.59 -8.17
CA ALA A 46 1.27 11.12 -9.24
C ALA A 46 -0.13 11.16 -8.69
N CYS A 47 -1.06 11.74 -9.44
CA CYS A 47 -2.46 11.80 -8.97
C CYS A 47 -3.43 11.30 -9.99
N GLY A 48 -4.57 10.85 -9.50
CA GLY A 48 -5.76 10.61 -10.33
C GLY A 48 -6.93 11.31 -9.68
N VAL A 49 -7.63 12.20 -10.37
CA VAL A 49 -8.78 12.84 -9.72
C VAL A 49 -9.97 12.92 -10.68
N ALA A 50 -11.01 12.11 -10.45
CA ALA A 50 -12.28 12.42 -11.14
C ALA A 50 -13.08 13.53 -10.43
N LYS A 51 -13.76 14.31 -11.22
CA LYS A 51 -14.46 15.45 -10.69
C LYS A 51 -15.83 15.42 -11.39
N VAL A 52 -16.89 15.25 -10.60
CA VAL A 52 -18.23 15.13 -11.15
C VAL A 52 -18.99 16.40 -10.81
N LEU A 53 -19.58 17.06 -11.81
CA LEU A 53 -20.30 18.35 -11.57
C LEU A 53 -21.51 18.67 -12.43
N TRP A 54 -22.49 19.35 -11.86
CA TRP A 54 -23.73 19.57 -12.60
C TRP A 54 -24.42 20.76 -11.99
N MET A 55 -25.48 21.23 -12.65
CA MET A 55 -26.29 22.39 -12.24
C MET A 55 -27.75 21.97 -12.05
N GLN A 56 -28.19 21.92 -10.81
CA GLN A 56 -29.59 21.51 -10.48
C GLN A 56 -30.44 22.76 -10.70
N GLY A 57 -31.54 22.63 -11.46
CA GLY A 57 -32.28 23.79 -11.95
C GLY A 57 -31.31 24.75 -12.66
N SER A 58 -30.50 25.48 -11.88
CA SER A 58 -29.31 26.18 -12.36
C SER A 58 -28.41 26.47 -11.14
N GLN A 59 -27.92 25.39 -10.50
CA GLN A 59 -27.16 25.50 -9.24
C GLN A 59 -25.79 24.80 -9.26
N GLN A 60 -24.82 25.31 -8.51
CA GLN A 60 -23.42 24.78 -8.49
C GLN A 60 -23.23 23.53 -7.65
N CYS A 61 -23.25 22.37 -8.30
CA CYS A 61 -23.22 21.14 -7.56
C CYS A 61 -22.12 20.19 -7.96
N LYS A 62 -21.21 19.88 -7.03
CA LYS A 62 -19.98 19.18 -7.38
C LYS A 62 -19.32 18.24 -6.35
N GLN A 63 -18.90 17.05 -6.79
CA GLN A 63 -18.08 16.11 -5.98
C GLN A 63 -16.73 15.75 -6.62
N THR A 64 -15.69 15.70 -5.80
CA THR A 64 -14.30 15.44 -6.23
C THR A 64 -13.85 14.13 -5.61
N SER A 65 -13.21 13.22 -6.34
CA SER A 65 -12.83 11.93 -5.73
C SER A 65 -11.49 11.45 -6.26
N GLU A 66 -10.54 11.17 -5.37
CA GLU A 66 -9.22 10.72 -5.81
C GLU A 66 -9.13 9.23 -5.94
N TYR A 67 -8.10 8.75 -6.64
CA TYR A 67 -7.90 7.34 -6.93
C TYR A 67 -6.43 7.02 -6.94
N LEU A 68 -5.63 8.08 -6.94
CA LEU A 68 -4.19 7.96 -6.81
C LEU A 68 -3.60 9.11 -6.03
N ARG A 69 -2.75 8.81 -5.05
CA ARG A 69 -1.90 9.83 -4.37
C ARG A 69 -0.65 9.07 -4.15
N TYR A 70 0.39 9.42 -4.88
CA TYR A 70 1.59 8.65 -4.81
C TYR A 70 2.75 9.63 -4.84
N GLU A 71 3.66 9.47 -3.90
CA GLU A 71 4.78 10.38 -3.82
C GLU A 71 5.98 9.63 -3.39
N ASP A 72 7.11 10.01 -3.98
CA ASP A 72 8.38 9.34 -3.81
C ASP A 72 9.49 10.33 -4.12
N THR A 73 10.61 10.10 -3.47
CA THR A 73 11.78 10.84 -3.74
C THR A 73 12.65 9.85 -4.48
N LEU A 74 13.20 10.29 -5.62
CA LEU A 74 13.96 9.46 -6.53
C LEU A 74 15.47 9.61 -6.39
N LEU A 75 16.23 8.63 -6.91
CA LEU A 75 17.66 8.47 -6.57
C LEU A 75 18.46 7.99 -7.72
N LEU A 76 19.53 8.71 -8.05
CA LEU A 76 20.41 8.27 -9.13
C LEU A 76 21.06 6.99 -8.69
N GLU A 77 21.20 6.07 -9.63
CA GLU A 77 21.90 4.79 -9.37
C GLU A 77 23.37 4.97 -8.94
N ASP A 78 24.15 5.77 -9.67
CA ASP A 78 25.53 6.03 -9.24
C ASP A 78 25.73 7.03 -8.07
N GLN A 79 24.71 7.20 -7.24
CA GLN A 79 24.80 8.21 -6.19
C GLN A 79 24.31 7.65 -4.84
N PRO A 80 24.85 6.48 -4.44
CA PRO A 80 24.19 5.69 -3.43
C PRO A 80 24.07 6.37 -2.04
N THR A 81 24.78 7.47 -1.80
CA THR A 81 24.90 8.01 -0.43
C THR A 81 23.60 8.37 0.38
N GLY A 82 22.63 9.08 -0.20
CA GLY A 82 21.43 9.41 0.57
C GLY A 82 20.95 10.84 0.49
N GLU A 83 19.74 11.10 0.97
CA GLU A 83 19.09 12.38 0.77
C GLU A 83 19.61 13.46 1.70
N ASN A 84 20.69 13.21 2.42
CA ASN A 84 21.26 14.26 3.22
C ASN A 84 22.63 14.61 2.71
N GLU A 85 22.85 14.32 1.43
CA GLU A 85 24.02 14.68 0.68
C GLU A 85 23.56 15.12 -0.70
N MET A 86 23.81 16.38 -1.06
CA MET A 86 23.37 16.86 -2.36
C MET A 86 24.26 16.33 -3.46
N VAL A 87 23.71 16.35 -4.65
CA VAL A 87 24.35 15.83 -5.83
C VAL A 87 24.92 16.94 -6.70
N ILE A 88 26.08 16.67 -7.30
CA ILE A 88 26.63 17.68 -8.19
C ILE A 88 26.33 17.31 -9.61
N MET A 89 25.56 18.13 -10.30
CA MET A 89 25.22 17.82 -11.67
C MET A 89 26.12 18.60 -12.59
N ARG A 90 26.38 18.06 -13.77
CA ARG A 90 27.22 18.78 -14.74
C ARG A 90 26.76 18.82 -16.19
N PRO A 91 27.08 19.93 -16.87
CA PRO A 91 26.80 20.00 -18.32
C PRO A 91 27.24 18.69 -18.95
N GLY A 92 26.58 18.23 -20.01
CA GLY A 92 27.13 17.12 -20.79
C GLY A 92 26.37 15.84 -20.56
N ASN A 93 26.66 15.18 -19.44
CA ASN A 93 25.86 14.03 -19.07
C ASN A 93 24.43 14.43 -18.78
N LYS A 94 23.58 13.42 -18.64
CA LYS A 94 22.13 13.49 -18.79
C LYS A 94 21.69 12.60 -17.65
N TYR A 95 21.11 13.21 -16.61
CA TYR A 95 20.91 12.55 -15.30
C TYR A 95 19.51 11.96 -15.22
N GLU A 96 19.44 10.66 -14.93
CA GLU A 96 18.21 9.86 -15.16
C GLU A 96 17.70 9.23 -13.89
N TYR A 97 16.46 9.58 -13.56
CA TYR A 97 15.88 9.15 -12.29
C TYR A 97 14.72 8.22 -12.64
N LYS A 98 14.76 6.98 -12.16
CA LYS A 98 13.64 6.06 -12.39
C LYS A 98 12.48 6.25 -11.40
N PHE A 99 11.26 6.22 -11.89
CA PHE A 99 10.14 6.02 -10.98
C PHE A 99 9.24 4.91 -11.46
N GLY A 100 8.50 4.34 -10.50
CA GLY A 100 7.51 3.31 -10.78
C GLY A 100 6.36 3.20 -9.79
N PHE A 101 5.17 3.41 -10.26
CA PHE A 101 4.03 3.19 -9.44
C PHE A 101 2.97 2.44 -10.26
N GLU A 102 2.03 1.83 -9.55
CA GLU A 102 1.10 0.90 -10.18
C GLU A 102 -0.28 1.17 -9.63
N LEU A 103 -1.18 1.50 -10.56
CA LEU A 103 -2.52 1.96 -10.21
C LEU A 103 -3.27 0.93 -9.35
N PRO A 104 -4.29 1.42 -8.59
CA PRO A 104 -5.17 0.52 -7.88
C PRO A 104 -6.08 -0.16 -8.87
N GLN A 105 -6.31 -1.44 -8.65
CA GLN A 105 -7.38 -2.14 -9.30
C GLN A 105 -8.68 -1.55 -8.81
N GLY A 106 -9.76 -1.84 -9.54
CA GLY A 106 -11.01 -1.23 -9.19
C GLY A 106 -11.17 0.00 -10.06
N PRO A 107 -12.08 0.91 -9.65
CA PRO A 107 -12.40 2.00 -10.60
C PRO A 107 -11.24 2.95 -10.62
N LEU A 108 -11.06 3.61 -11.76
CA LEU A 108 -10.15 4.73 -11.84
C LEU A 108 -11.03 5.97 -11.96
N GLY A 109 -12.33 5.69 -11.92
CA GLY A 109 -13.33 6.75 -11.86
C GLY A 109 -13.51 7.58 -13.12
N THR A 110 -13.36 6.95 -14.29
CA THR A 110 -13.74 7.53 -15.60
C THR A 110 -15.26 7.67 -15.59
N SER A 111 -15.91 6.74 -14.87
CA SER A 111 -17.33 6.38 -15.00
C SER A 111 -18.18 7.44 -15.71
N PHE A 112 -18.21 8.65 -15.13
CA PHE A 112 -18.91 9.81 -15.72
C PHE A 112 -17.99 10.81 -16.38
N LYS A 113 -16.83 10.34 -16.88
CA LYS A 113 -16.06 11.12 -17.86
C LYS A 113 -17.00 11.25 -19.07
N GLY A 114 -18.01 12.10 -18.91
CA GLY A 114 -19.02 12.26 -19.92
C GLY A 114 -19.36 13.71 -19.90
N LYS A 115 -20.60 14.00 -20.29
CA LYS A 115 -21.18 15.32 -20.22
C LYS A 115 -21.09 15.91 -18.79
N TYR A 116 -20.95 15.05 -17.78
CA TYR A 116 -21.12 15.47 -16.40
C TYR A 116 -19.82 15.51 -15.62
N GLY A 117 -18.90 14.62 -15.95
CA GLY A 117 -17.62 14.58 -15.25
C GLY A 117 -16.40 14.54 -16.16
N CYS A 118 -15.23 14.42 -15.52
CA CYS A 118 -13.93 14.28 -16.19
C CYS A 118 -12.89 13.78 -15.18
N VAL A 119 -11.79 13.21 -15.71
CA VAL A 119 -10.80 12.45 -14.96
C VAL A 119 -9.34 12.93 -15.26
N ASP A 120 -8.63 13.38 -14.22
CA ASP A 120 -7.28 13.94 -14.39
C ASP A 120 -6.19 13.03 -13.85
N TYR A 121 -5.34 12.54 -14.73
CA TYR A 121 -4.13 11.91 -14.29
C TYR A 121 -2.92 12.72 -14.74
N TRP A 122 -1.86 12.60 -13.97
CA TRP A 122 -0.56 13.15 -14.32
C TRP A 122 0.46 12.82 -13.26
N VAL A 123 1.68 13.25 -13.54
CA VAL A 123 2.81 13.09 -12.66
C VAL A 123 3.48 14.45 -12.63
N LYS A 124 3.62 15.05 -11.45
CA LYS A 124 4.57 16.15 -11.30
C LYS A 124 5.87 15.58 -10.78
N ALA A 125 7.00 16.11 -11.27
CA ALA A 125 8.33 15.88 -10.67
C ALA A 125 8.78 17.20 -10.16
N PHE A 126 9.60 17.19 -9.12
CA PHE A 126 10.07 18.44 -8.54
C PHE A 126 11.58 18.44 -8.41
N LEU A 127 12.20 19.55 -8.81
CA LEU A 127 13.62 19.78 -8.61
C LEU A 127 13.87 20.79 -7.48
N ASP A 128 14.51 20.27 -6.43
CA ASP A 128 14.74 21.05 -5.26
C ASP A 128 16.19 21.43 -5.41
N ARG A 129 16.53 22.71 -5.27
CA ARG A 129 17.92 23.18 -5.39
C ARG A 129 18.19 24.23 -4.35
N PRO A 130 19.37 24.21 -3.71
CA PRO A 130 19.61 25.07 -2.56
C PRO A 130 19.34 26.56 -2.84
N SER A 131 18.66 27.24 -1.91
CA SER A 131 18.28 28.65 -2.08
C SER A 131 17.54 28.95 -3.38
N GLN A 132 16.76 27.98 -3.88
CA GLN A 132 15.96 28.22 -5.06
C GLN A 132 14.51 27.86 -4.82
N PRO A 133 13.58 28.48 -5.56
CA PRO A 133 12.27 27.83 -5.43
C PRO A 133 12.28 26.51 -6.24
N THR A 134 11.63 25.52 -5.70
CA THR A 134 11.68 24.29 -6.44
C THR A 134 11.06 24.61 -7.80
N GLN A 135 11.68 24.09 -8.84
CA GLN A 135 11.12 24.16 -10.16
C GLN A 135 10.18 22.98 -10.31
N GLU A 136 9.15 23.05 -11.15
CA GLU A 136 8.37 21.85 -11.39
C GLU A 136 7.97 21.56 -12.86
N THR A 137 7.77 20.28 -13.18
CA THR A 137 7.31 19.81 -14.47
C THR A 137 6.11 18.85 -14.33
N LYS A 138 5.01 19.16 -15.02
CA LYS A 138 3.77 18.41 -14.84
C LYS A 138 3.48 17.66 -16.13
N LYS A 139 3.23 16.36 -16.06
CA LYS A 139 2.96 15.57 -17.27
C LYS A 139 1.72 14.61 -17.20
N ASN A 140 0.72 14.88 -18.04
CA ASN A 140 -0.55 14.17 -17.98
C ASN A 140 -0.44 12.75 -18.38
N PHE A 141 -1.45 11.97 -18.01
CA PHE A 141 -1.58 10.60 -18.56
C PHE A 141 -3.05 10.13 -18.60
N GLU A 142 -3.25 8.99 -19.25
CA GLU A 142 -4.57 8.52 -19.51
C GLU A 142 -4.76 7.09 -19.06
N VAL A 143 -6.02 6.77 -18.78
CA VAL A 143 -6.43 5.53 -18.25
C VAL A 143 -7.79 5.23 -18.87
N ASP A 153 -27.74 7.39 -18.07
CA ASP A 153 -27.18 8.76 -17.96
C ASP A 153 -26.62 8.95 -16.56
N LEU A 154 -27.39 9.53 -15.65
CA LEU A 154 -26.82 10.03 -14.39
C LEU A 154 -27.84 10.96 -13.71
N MET A 155 -28.54 11.67 -14.57
CA MET A 155 -29.75 12.34 -14.17
C MET A 155 -30.94 11.48 -14.53
N ALA A 156 -30.67 10.32 -15.15
CA ALA A 156 -31.66 9.26 -15.41
C ALA A 156 -32.15 8.61 -14.12
N PRO A 157 -33.44 8.29 -14.05
CA PRO A 157 -33.97 7.49 -12.97
C PRO A 157 -33.24 6.18 -12.78
N VAL A 158 -33.18 5.79 -11.51
CA VAL A 158 -32.70 4.50 -11.10
C VAL A 158 -33.86 3.78 -10.51
N SER A 159 -33.89 2.48 -10.76
CA SER A 159 -34.91 1.61 -10.26
C SER A 159 -34.24 0.24 -10.16
N ALA A 160 -34.67 -0.57 -9.19
CA ALA A 160 -34.06 -1.88 -8.93
C ALA A 160 -35.07 -2.78 -8.24
N LYS A 161 -34.90 -4.09 -8.40
CA LYS A 161 -35.75 -5.01 -7.69
C LYS A 161 -35.03 -6.24 -7.13
N LYS A 162 -35.51 -6.80 -6.04
CA LYS A 162 -34.93 -8.05 -5.49
C LYS A 162 -35.98 -8.89 -4.80
N GLU A 163 -35.91 -10.20 -5.06
CA GLU A 163 -36.75 -11.21 -4.43
C GLU A 163 -35.93 -12.26 -3.76
N LYS A 164 -36.43 -12.77 -2.64
CA LYS A 164 -35.74 -13.81 -1.88
C LYS A 164 -36.79 -14.77 -1.40
N LYS A 165 -36.54 -16.04 -1.67
CA LYS A 165 -37.34 -17.13 -1.19
C LYS A 165 -37.21 -17.17 0.33
N VAL A 166 -38.33 -17.26 1.02
CA VAL A 166 -38.29 -17.32 2.46
C VAL A 166 -39.40 -18.29 2.84
N SER A 167 -39.00 -19.53 3.00
CA SER A 167 -39.92 -20.65 3.05
C SER A 167 -40.25 -21.09 4.46
N SER A 168 -41.24 -21.96 4.51
CA SER A 168 -41.95 -22.32 5.71
C SER A 168 -42.48 -23.72 5.46
N MET A 169 -42.76 -24.48 6.51
CA MET A 169 -43.35 -25.80 6.27
C MET A 169 -44.72 -25.61 5.57
N PHE A 170 -45.55 -24.71 6.09
CA PHE A 170 -46.82 -24.44 5.43
C PHE A 170 -46.79 -23.43 4.28
N ILE A 171 -45.67 -22.71 4.09
CA ILE A 171 -45.49 -21.81 2.94
C ILE A 171 -44.16 -22.08 2.25
N PRO A 172 -43.97 -23.29 1.69
CA PRO A 172 -42.65 -23.65 1.13
C PRO A 172 -42.23 -22.74 -0.03
N ASP A 173 -43.17 -21.98 -0.58
CA ASP A 173 -42.85 -21.03 -1.67
C ASP A 173 -42.92 -19.57 -1.27
N GLY A 174 -42.74 -19.27 0.02
CA GLY A 174 -42.81 -17.90 0.59
C GLY A 174 -41.72 -17.01 0.03
N ARG A 175 -42.10 -15.78 -0.27
CA ARG A 175 -41.19 -14.88 -0.94
C ARG A 175 -41.16 -13.59 -0.21
N VAL A 176 -40.08 -12.86 -0.33
CA VAL A 176 -40.10 -11.45 0.07
C VAL A 176 -39.48 -10.58 -1.00
N SER A 177 -40.14 -9.52 -1.38
CA SER A 177 -39.48 -8.67 -2.31
C SER A 177 -39.62 -7.19 -2.07
N VAL A 178 -38.72 -6.52 -2.74
CA VAL A 178 -38.58 -5.11 -2.66
C VAL A 178 -38.20 -4.68 -4.07
N SER A 179 -38.92 -3.68 -4.54
CA SER A 179 -38.72 -3.05 -5.81
C SER A 179 -38.72 -1.54 -5.53
N ALA A 180 -37.72 -0.82 -6.03
CA ALA A 180 -37.45 0.57 -5.57
C ALA A 180 -37.20 1.46 -6.74
N ARG A 181 -37.61 2.73 -6.66
CA ARG A 181 -37.19 3.78 -7.65
C ARG A 181 -36.98 5.16 -7.09
N ILE A 182 -35.99 5.82 -7.69
CA ILE A 182 -35.60 7.21 -7.37
C ILE A 182 -35.27 7.96 -8.63
N ASP A 183 -35.14 9.25 -8.50
CA ASP A 183 -35.25 10.16 -9.66
C ASP A 183 -34.01 10.25 -10.50
N ARG A 184 -32.88 9.86 -9.95
CA ARG A 184 -31.61 10.09 -10.58
C ARG A 184 -30.57 9.69 -9.61
N LYS A 185 -29.35 9.60 -10.12
CA LYS A 185 -28.27 9.05 -9.37
C LYS A 185 -27.50 10.15 -8.65
N GLY A 186 -27.77 11.42 -8.99
CA GLY A 186 -26.89 12.53 -8.59
C GLY A 186 -27.56 13.54 -7.71
N PHE A 187 -27.10 13.73 -6.46
CA PHE A 187 -27.79 14.64 -5.53
C PHE A 187 -26.90 15.67 -4.81
N CYS A 188 -27.46 16.83 -4.52
CA CYS A 188 -26.75 17.87 -3.83
C CYS A 188 -27.04 17.68 -2.38
N GLU A 189 -26.01 17.78 -1.53
CA GLU A 189 -26.22 18.00 -0.09
C GLU A 189 -27.42 18.88 0.25
N GLY A 190 -28.20 18.48 1.26
CA GLY A 190 -29.45 19.19 1.58
C GLY A 190 -30.70 18.65 0.86
N ASP A 191 -30.52 17.90 -0.24
CA ASP A 191 -31.68 17.43 -0.92
C ASP A 191 -32.43 16.38 -0.18
N GLU A 192 -33.63 16.14 -0.65
CA GLU A 192 -34.37 15.02 -0.23
C GLU A 192 -34.18 13.98 -1.34
N ILE A 193 -33.83 12.75 -1.01
CA ILE A 193 -34.04 11.69 -1.98
C ILE A 193 -35.46 11.15 -1.77
N SER A 194 -36.17 11.03 -2.85
CA SER A 194 -37.58 10.66 -2.77
C SER A 194 -37.74 9.25 -3.27
N ILE A 195 -38.46 8.41 -2.51
CA ILE A 195 -38.50 7.00 -2.78
C ILE A 195 -39.86 6.42 -3.08
N HIS A 196 -39.87 5.65 -4.16
CA HIS A 196 -40.99 4.89 -4.62
C HIS A 196 -40.59 3.44 -4.48
N ALA A 197 -41.34 2.69 -3.68
CA ALA A 197 -40.98 1.29 -3.42
C ALA A 197 -42.20 0.41 -3.11
N ASP A 198 -42.15 -0.82 -3.60
CA ASP A 198 -43.17 -1.76 -3.34
C ASP A 198 -42.52 -2.96 -2.62
N PHE A 199 -43.19 -3.44 -1.57
CA PHE A 199 -42.70 -4.57 -0.84
C PHE A 199 -43.73 -5.69 -0.82
N GLU A 200 -43.39 -6.91 -1.18
CA GLU A 200 -44.30 -8.05 -0.96
C GLU A 200 -43.83 -8.97 0.14
N ASN A 201 -44.76 -9.61 0.85
CA ASN A 201 -44.40 -10.61 1.84
C ASN A 201 -45.43 -11.72 1.93
N THR A 202 -45.11 -12.81 1.24
CA THR A 202 -45.91 -14.02 1.24
C THR A 202 -45.31 -15.11 2.08
N SER A 203 -44.20 -14.81 2.76
CA SER A 203 -43.57 -15.65 3.74
C SER A 203 -44.39 -15.57 5.05
N SER A 204 -44.10 -16.49 5.96
CA SER A 204 -44.74 -16.55 7.27
C SER A 204 -44.16 -15.54 8.28
N ARG A 205 -43.17 -14.75 7.92
CA ARG A 205 -42.60 -13.83 8.93
C ARG A 205 -43.22 -12.45 8.83
N ILE A 206 -43.29 -11.72 9.94
CA ILE A 206 -43.49 -10.29 9.91
C ILE A 206 -42.15 -9.65 9.53
N VAL A 207 -42.14 -8.79 8.51
CA VAL A 207 -40.87 -8.22 7.98
C VAL A 207 -40.90 -6.68 8.03
N VAL A 208 -39.74 -6.02 8.06
CA VAL A 208 -39.74 -4.58 8.20
C VAL A 208 -38.90 -3.95 7.11
N PRO A 209 -39.45 -2.99 6.35
CA PRO A 209 -38.64 -2.39 5.29
C PRO A 209 -37.89 -1.18 5.84
N LYS A 210 -36.68 -0.94 5.34
CA LYS A 210 -35.82 0.16 5.83
C LYS A 210 -34.99 0.78 4.70
N ALA A 211 -34.48 1.99 4.97
CA ALA A 211 -33.56 2.58 3.97
C ALA A 211 -32.50 3.37 4.68
N ALA A 212 -31.33 3.43 4.04
CA ALA A 212 -30.29 4.29 4.62
C ALA A 212 -29.41 4.72 3.56
N ILE A 213 -28.87 5.92 3.76
CA ILE A 213 -27.81 6.43 2.90
C ILE A 213 -26.53 6.05 3.61
N VAL A 214 -25.65 5.39 2.92
CA VAL A 214 -24.40 5.05 3.55
C VAL A 214 -23.19 5.70 2.84
N ALA A 215 -22.14 5.92 3.60
CA ALA A 215 -20.97 6.63 3.08
C ALA A 215 -19.81 5.67 3.26
N ARG A 216 -19.14 5.35 2.17
CA ARG A 216 -17.88 4.56 2.25
C ARG A 216 -16.61 5.40 2.03
N HIS A 217 -15.94 5.78 3.11
CA HIS A 217 -14.71 6.57 2.96
C HIS A 217 -13.58 5.65 2.67
N THR A 218 -12.91 5.92 1.57
CA THR A 218 -11.67 5.25 1.24
C THR A 218 -10.64 6.27 1.72
N TYR A 219 -9.74 5.79 2.58
CA TYR A 219 -8.80 6.70 3.25
C TYR A 219 -7.43 6.11 3.30
N LEU A 220 -6.49 7.06 3.36
CA LEU A 220 -5.07 6.77 3.51
C LEU A 220 -4.65 6.63 4.99
N ALA A 221 -4.32 5.39 5.40
CA ALA A 221 -3.77 5.17 6.76
C ALA A 221 -2.87 3.94 6.95
N ASN A 222 -1.72 4.19 7.59
CA ASN A 222 -0.80 3.15 8.07
C ASN A 222 -0.35 2.19 6.97
N GLY A 223 0.11 2.80 5.86
CA GLY A 223 0.54 2.09 4.63
C GLY A 223 -0.56 1.73 3.64
N GLN A 224 -1.79 2.17 3.94
CA GLN A 224 -3.04 1.64 3.34
C GLN A 224 -3.97 2.77 2.78
N THR A 225 -4.98 2.53 1.92
CA THR A 225 -5.72 1.27 1.60
C THR A 225 -6.94 0.90 2.51
N LYS A 226 -7.60 1.87 3.15
CA LYS A 226 -8.83 1.44 3.90
C LYS A 226 -10.14 2.12 3.54
N VAL A 227 -11.22 1.43 3.83
CA VAL A 227 -12.57 1.96 3.62
C VAL A 227 -13.37 1.80 4.89
N LEU A 228 -13.94 2.89 5.37
CA LEU A 228 -14.84 2.89 6.52
C LEU A 228 -16.29 3.18 6.08
N THR A 229 -17.25 2.39 6.58
CA THR A 229 -18.67 2.63 6.32
C THR A 229 -19.42 3.39 7.44
N GLN A 230 -19.96 4.52 7.05
CA GLN A 230 -20.72 5.39 7.91
C GLN A 230 -22.19 5.32 7.44
N LYS A 231 -23.10 5.32 8.39
CA LYS A 231 -24.53 5.36 8.16
C LYS A 231 -25.00 6.80 8.39
N LEU A 232 -25.57 7.42 7.35
CA LEU A 232 -26.11 8.78 7.47
C LEU A 232 -27.63 8.73 7.75
N SER A 233 -28.50 9.40 6.98
CA SER A 233 -29.92 9.38 7.36
C SER A 233 -30.59 8.03 7.14
N SER A 234 -31.66 7.77 7.85
CA SER A 234 -32.37 6.50 7.66
C SER A 234 -33.78 6.62 8.12
N VAL A 235 -34.65 5.79 7.54
CA VAL A 235 -36.04 5.64 7.90
C VAL A 235 -36.31 4.16 7.99
N ARG A 236 -37.49 3.88 8.56
CA ARG A 236 -38.00 2.57 8.94
C ARG A 236 -39.47 2.63 8.54
N GLY A 237 -39.98 1.59 7.87
CA GLY A 237 -41.40 1.60 7.52
C GLY A 237 -42.19 0.83 8.54
N ASN A 238 -43.51 0.82 8.42
CA ASN A 238 -44.36 -0.06 9.25
C ASN A 238 -44.08 -1.53 9.02
N HIS A 239 -44.11 -2.31 10.10
CA HIS A 239 -43.88 -3.75 9.91
C HIS A 239 -44.89 -4.25 8.85
N ILE A 240 -44.55 -5.28 8.07
CA ILE A 240 -45.47 -5.84 7.05
C ILE A 240 -45.81 -7.27 7.43
N ILE A 241 -47.06 -7.51 7.79
CA ILE A 241 -47.46 -8.84 8.19
C ILE A 241 -47.50 -9.83 7.02
N SER A 242 -47.44 -11.12 7.37
CA SER A 242 -47.49 -12.19 6.36
C SER A 242 -48.71 -12.05 5.46
N GLY A 243 -48.59 -12.43 4.19
CA GLY A 243 -49.69 -12.32 3.27
C GLY A 243 -50.11 -10.87 3.01
N THR A 244 -49.20 -9.89 3.12
CA THR A 244 -49.52 -8.52 2.65
C THR A 244 -48.37 -7.86 1.92
N CYS A 245 -48.65 -6.68 1.34
CA CYS A 245 -47.67 -5.77 0.72
C CYS A 245 -47.95 -4.38 1.21
N ALA A 246 -46.92 -3.54 1.22
CA ALA A 246 -47.07 -2.12 1.48
C ALA A 246 -46.14 -1.39 0.55
N SER A 247 -46.26 -0.04 0.59
CA SER A 247 -45.74 0.91 -0.40
C SER A 247 -45.10 2.15 0.20
N TRP A 248 -44.05 2.65 -0.46
CA TRP A 248 -43.58 4.00 -0.20
C TRP A 248 -43.88 4.83 -1.42
N ARG A 249 -44.36 6.03 -1.21
CA ARG A 249 -44.79 6.88 -2.32
C ARG A 249 -44.30 8.24 -2.01
N GLY A 250 -43.06 8.50 -2.37
CA GLY A 250 -42.47 9.81 -2.07
C GLY A 250 -41.84 9.91 -0.69
N LYS A 251 -41.85 8.83 0.05
CA LYS A 251 -41.16 8.77 1.29
C LYS A 251 -39.74 9.16 1.00
N SER A 252 -39.16 9.97 1.88
CA SER A 252 -38.00 10.77 1.50
C SER A 252 -36.84 10.74 2.53
N LEU A 253 -35.58 10.69 2.05
CA LEU A 253 -34.43 10.75 2.93
C LEU A 253 -33.64 11.98 2.59
N ARG A 254 -33.13 12.63 3.63
CA ARG A 254 -32.38 13.87 3.54
C ARG A 254 -30.93 13.55 3.16
N VAL A 255 -30.31 14.39 2.34
CA VAL A 255 -28.86 14.22 2.13
C VAL A 255 -28.05 15.17 2.98
N GLN A 256 -27.46 14.66 4.05
CA GLN A 256 -26.72 15.55 4.98
C GLN A 256 -25.25 15.74 4.56
N LYS A 257 -24.73 16.96 4.80
CA LYS A 257 -23.30 17.29 4.68
C LYS A 257 -22.52 16.38 5.62
N ILE A 258 -21.31 16.00 5.28
CA ILE A 258 -20.46 15.31 6.29
C ILE A 258 -19.60 16.36 7.00
N ARG A 259 -18.82 15.94 8.00
CA ARG A 259 -17.83 16.82 8.66
C ARG A 259 -16.44 16.78 8.00
N ASN A 266 -6.74 13.23 4.33
CA ASN A 266 -6.26 11.86 4.10
C ASN A 266 -7.28 10.82 3.54
N ILE A 267 -8.46 11.29 3.19
CA ILE A 267 -9.41 10.40 2.55
C ILE A 267 -9.25 10.66 1.05
N LEU A 268 -9.28 9.60 0.21
CA LEU A 268 -9.26 9.79 -1.28
C LEU A 268 -10.63 10.20 -1.72
N ARG A 269 -11.61 9.35 -1.43
CA ARG A 269 -12.99 9.61 -1.82
C ARG A 269 -14.02 9.10 -0.81
N VAL A 270 -15.26 9.55 -0.98
CA VAL A 270 -16.38 8.95 -0.26
C VAL A 270 -17.34 8.38 -1.30
N GLU A 271 -17.56 7.08 -1.33
CA GLU A 271 -18.63 6.55 -2.15
C GLU A 271 -19.93 6.40 -1.34
N TYR A 272 -21.04 6.78 -1.96
CA TYR A 272 -22.35 6.85 -1.35
C TYR A 272 -23.36 5.88 -1.92
N SER A 273 -24.30 5.43 -1.12
CA SER A 273 -25.28 4.47 -1.61
C SER A 273 -26.54 4.69 -0.92
N LEU A 274 -27.62 4.42 -1.63
CA LEU A 274 -28.89 4.28 -1.01
C LEU A 274 -29.20 2.78 -0.90
N LEU A 275 -29.43 2.36 0.34
CA LEU A 275 -29.77 1.02 0.67
C LEU A 275 -31.23 0.97 0.98
N ILE A 276 -31.94 0.13 0.24
CA ILE A 276 -33.34 -0.18 0.55
C ILE A 276 -33.35 -1.68 0.84
N TYR A 277 -33.79 -2.05 2.04
CA TYR A 277 -33.67 -3.42 2.48
C TYR A 277 -34.92 -3.84 3.25
N VAL A 278 -35.17 -5.12 3.31
CA VAL A 278 -36.29 -5.55 4.09
C VAL A 278 -35.61 -6.45 5.03
N SER A 279 -35.76 -6.17 6.28
CA SER A 279 -35.15 -7.03 7.25
C SER A 279 -36.10 -8.20 7.63
N VAL A 280 -35.56 -9.41 7.71
CA VAL A 280 -36.39 -10.66 7.85
C VAL A 280 -36.00 -11.52 9.07
N PRO A 281 -36.85 -11.56 10.10
CA PRO A 281 -36.41 -12.24 11.33
C PRO A 281 -36.10 -13.70 11.07
N GLY A 282 -34.94 -14.19 11.58
CA GLY A 282 -34.43 -15.53 11.28
C GLY A 282 -33.67 -15.70 9.96
N SER A 283 -33.48 -14.61 9.19
CA SER A 283 -32.86 -14.73 7.86
C SER A 283 -32.02 -13.51 7.43
N LYS A 284 -31.30 -13.62 6.32
CA LYS A 284 -30.49 -12.51 5.85
C LYS A 284 -31.39 -11.39 5.26
N LYS A 285 -31.00 -10.14 5.39
CA LYS A 285 -31.73 -9.05 4.74
C LYS A 285 -31.92 -9.32 3.23
N VAL A 286 -32.94 -8.67 2.65
CA VAL A 286 -33.09 -8.56 1.19
C VAL A 286 -32.80 -7.09 0.99
N ILE A 287 -31.68 -6.83 0.30
CA ILE A 287 -30.97 -5.55 0.26
C ILE A 287 -30.87 -5.14 -1.22
N LEU A 288 -31.44 -3.98 -1.58
CA LEU A 288 -30.97 -3.19 -2.74
C LEU A 288 -29.93 -2.12 -2.35
N ASP A 289 -28.83 -2.07 -3.09
CA ASP A 289 -27.78 -1.06 -2.94
C ASP A 289 -27.77 -0.22 -4.19
N LEU A 290 -28.21 1.02 -4.10
CA LEU A 290 -28.29 1.91 -5.24
C LEU A 290 -27.24 2.98 -5.22
N PRO A 291 -26.23 2.90 -6.09
CA PRO A 291 -25.14 3.92 -5.99
C PRO A 291 -25.55 5.38 -6.22
N LEU A 292 -25.07 6.26 -5.38
CA LEU A 292 -25.22 7.68 -5.61
C LEU A 292 -23.89 8.36 -5.86
N VAL A 293 -24.03 9.56 -6.41
CA VAL A 293 -23.03 10.56 -6.47
C VAL A 293 -23.60 11.77 -5.71
N ILE A 294 -22.82 12.27 -4.74
CA ILE A 294 -23.28 13.39 -3.88
C ILE A 294 -22.33 14.57 -3.76
N GLY A 295 -22.70 15.69 -4.35
CA GLY A 295 -21.81 16.86 -4.34
C GLY A 295 -22.29 18.03 -3.51
N SER A 296 -21.50 19.10 -3.52
CA SER A 296 -21.87 20.34 -2.81
C SER A 296 -21.85 21.59 -3.70
N MET B 1 -71.65 -9.68 -6.91
CA MET B 1 -70.76 -8.93 -7.86
C MET B 1 -70.05 -7.68 -7.30
N VAL B 2 -68.88 -7.35 -7.85
CA VAL B 2 -67.97 -6.35 -7.26
C VAL B 2 -67.77 -5.12 -8.13
N LYS B 3 -68.23 -3.98 -7.62
CA LYS B 3 -68.12 -2.71 -8.36
C LYS B 3 -66.69 -2.22 -8.23
N GLN B 4 -65.94 -2.23 -9.34
CA GLN B 4 -64.68 -1.51 -9.43
C GLN B 4 -65.02 -0.08 -9.05
N ILE B 5 -64.02 0.72 -8.69
CA ILE B 5 -64.30 2.06 -8.14
C ILE B 5 -63.14 3.03 -8.38
N GLU B 6 -63.43 4.27 -8.81
CA GLU B 6 -62.37 5.23 -9.23
C GLU B 6 -62.34 6.67 -8.68
N SER B 7 -63.32 7.08 -7.88
CA SER B 7 -63.23 8.44 -7.30
C SER B 7 -63.66 8.44 -5.85
N LYS B 8 -63.28 9.46 -5.07
CA LYS B 8 -63.90 9.60 -3.74
C LYS B 8 -65.40 9.89 -3.85
N THR B 9 -65.83 10.66 -4.87
CA THR B 9 -67.27 10.90 -5.07
C THR B 9 -68.01 9.63 -5.52
N ALA B 10 -67.35 8.81 -6.35
CA ALA B 10 -67.86 7.46 -6.69
C ALA B 10 -67.99 6.58 -5.41
N PHE B 11 -67.03 6.73 -4.51
CA PHE B 11 -67.06 6.08 -3.20
C PHE B 11 -68.20 6.53 -2.32
N GLN B 12 -68.33 7.84 -2.13
CA GLN B 12 -69.47 8.43 -1.42
C GLN B 12 -70.79 7.81 -1.89
N GLU B 13 -70.96 7.74 -3.22
CA GLU B 13 -72.12 7.08 -3.81
C GLU B 13 -72.46 5.78 -3.13
N ALA B 14 -71.58 4.78 -3.21
CA ALA B 14 -71.94 3.46 -2.68
C ALA B 14 -72.39 3.47 -1.19
N LEU B 15 -71.70 4.29 -0.40
CA LEU B 15 -72.00 4.53 1.01
C LEU B 15 -73.47 4.90 1.19
N ASP B 16 -74.02 5.51 0.14
CA ASP B 16 -75.46 5.71 -0.02
C ASP B 16 -76.14 4.50 -0.64
N ALA B 17 -75.63 4.06 -1.81
CA ALA B 17 -76.19 2.93 -2.61
C ALA B 17 -76.75 1.80 -1.74
N ALA B 18 -75.86 1.18 -0.96
CA ALA B 18 -76.26 0.22 0.09
C ALA B 18 -77.08 0.92 1.18
N GLY B 19 -78.20 0.30 1.55
CA GLY B 19 -79.01 0.86 2.62
C GLY B 19 -78.36 0.48 3.93
N ASP B 20 -79.16 -0.09 4.83
CA ASP B 20 -78.67 -0.66 6.06
C ASP B 20 -77.64 -1.79 5.80
N LYS B 21 -77.47 -2.20 4.53
CA LYS B 21 -76.56 -3.31 4.20
C LYS B 21 -75.02 -3.07 4.41
N LEU B 22 -74.38 -4.01 5.10
CA LEU B 22 -72.94 -4.02 5.34
C LEU B 22 -72.26 -4.04 4.01
N VAL B 23 -71.16 -3.33 3.98
CA VAL B 23 -70.42 -3.16 2.75
C VAL B 23 -68.93 -3.42 3.06
N VAL B 24 -68.35 -4.31 2.27
CA VAL B 24 -66.99 -4.75 2.42
C VAL B 24 -66.20 -4.08 1.31
N VAL B 25 -65.00 -3.66 1.62
CA VAL B 25 -64.18 -3.01 0.61
C VAL B 25 -62.83 -3.67 0.61
N ASP B 26 -62.45 -4.12 -0.56
CA ASP B 26 -61.12 -4.58 -0.80
C ASP B 26 -60.28 -3.36 -1.33
N PHE B 27 -59.35 -2.88 -0.51
CA PHE B 27 -58.31 -2.00 -1.01
C PHE B 27 -57.21 -2.85 -1.47
N SER B 28 -57.16 -2.98 -2.77
CA SER B 28 -56.34 -3.91 -3.45
C SER B 28 -55.15 -3.21 -4.13
N ALA B 29 -54.33 -4.00 -4.83
CA ALA B 29 -53.32 -3.46 -5.76
C ALA B 29 -52.83 -4.49 -6.79
N THR B 30 -52.80 -4.03 -8.02
CA THR B 30 -52.27 -4.66 -9.21
C THR B 30 -51.07 -5.59 -9.09
N TRP B 31 -50.02 -5.08 -8.44
CA TRP B 31 -48.68 -5.70 -8.42
C TRP B 31 -48.52 -6.59 -7.19
N CYS B 32 -49.54 -6.62 -6.33
CA CYS B 32 -49.52 -7.35 -5.09
C CYS B 32 -49.96 -8.81 -5.24
N GLY B 33 -49.00 -9.73 -5.08
CA GLY B 33 -49.25 -11.17 -5.13
C GLY B 33 -50.44 -11.55 -4.28
N PRO B 34 -50.40 -11.25 -2.96
CA PRO B 34 -51.50 -11.64 -2.09
C PRO B 34 -52.84 -11.02 -2.41
N ALA B 35 -52.89 -9.85 -3.05
CA ALA B 35 -54.21 -9.28 -3.28
C ALA B 35 -54.75 -9.86 -4.56
N LYS B 36 -53.86 -10.22 -5.47
CA LYS B 36 -54.22 -10.91 -6.68
C LYS B 36 -54.76 -12.29 -6.37
N MET B 37 -54.11 -13.00 -5.46
CA MET B 37 -54.63 -14.29 -5.05
C MET B 37 -56.06 -14.21 -4.42
N ILE B 38 -56.42 -13.11 -3.79
CA ILE B 38 -57.61 -13.11 -2.99
C ILE B 38 -58.81 -12.56 -3.79
N LYS B 39 -58.52 -11.69 -4.78
CA LYS B 39 -59.51 -11.21 -5.78
C LYS B 39 -60.52 -12.27 -6.20
N PRO B 40 -60.04 -13.40 -6.77
CA PRO B 40 -61.14 -14.36 -7.09
C PRO B 40 -62.06 -14.68 -5.90
N PHE B 41 -61.49 -14.95 -4.71
CA PHE B 41 -62.33 -15.39 -3.59
C PHE B 41 -63.22 -14.26 -3.14
N PHE B 42 -62.73 -13.04 -3.30
CA PHE B 42 -63.52 -11.90 -3.05
C PHE B 42 -64.70 -11.84 -4.01
N HIS B 43 -64.48 -12.25 -5.28
CA HIS B 43 -65.57 -12.25 -6.30
C HIS B 43 -66.70 -13.27 -6.00
N SER B 44 -66.36 -14.52 -5.74
CA SER B 44 -67.37 -15.53 -5.45
C SER B 44 -68.20 -15.13 -4.21
N LEU B 45 -67.54 -14.76 -3.12
CA LEU B 45 -68.27 -14.28 -1.94
C LEU B 45 -69.29 -13.22 -2.32
N SER B 46 -69.03 -12.40 -3.34
CA SER B 46 -70.03 -11.42 -3.77
C SER B 46 -71.24 -12.07 -4.45
N GLU B 47 -71.00 -13.23 -5.08
CA GLU B 47 -72.10 -14.03 -5.64
C GLU B 47 -72.93 -14.61 -4.48
N LYS B 48 -72.30 -15.32 -3.54
CA LYS B 48 -73.01 -15.74 -2.32
C LYS B 48 -73.77 -14.62 -1.57
N TYR B 49 -73.08 -13.58 -1.13
CA TYR B 49 -73.65 -12.61 -0.17
C TYR B 49 -74.25 -11.37 -0.81
N SER B 50 -75.31 -11.56 -1.56
CA SER B 50 -75.89 -10.46 -2.32
C SER B 50 -76.80 -9.60 -1.46
N ASN B 51 -76.87 -9.97 -0.19
CA ASN B 51 -77.46 -9.13 0.81
C ASN B 51 -76.44 -8.09 1.28
N VAL B 52 -75.22 -8.25 0.75
CA VAL B 52 -74.03 -7.44 1.10
C VAL B 52 -73.44 -6.79 -0.15
N ILE B 53 -72.91 -5.58 0.05
CA ILE B 53 -72.30 -4.82 -1.05
C ILE B 53 -70.81 -4.93 -1.00
N PHE B 54 -70.23 -5.41 -2.11
CA PHE B 54 -68.78 -5.49 -2.24
C PHE B 54 -68.28 -4.39 -3.14
N LEU B 55 -67.11 -3.87 -2.80
CA LEU B 55 -66.45 -2.89 -3.63
C LEU B 55 -64.94 -3.14 -3.64
N GLU B 56 -64.28 -2.70 -4.72
CA GLU B 56 -62.84 -2.67 -4.87
C GLU B 56 -62.35 -1.24 -4.98
N VAL B 57 -61.20 -0.96 -4.39
CA VAL B 57 -60.44 0.27 -4.61
C VAL B 57 -58.97 -0.08 -4.83
N ASP B 58 -58.43 0.39 -5.95
CA ASP B 58 -57.02 0.27 -6.22
C ASP B 58 -56.26 1.43 -5.55
N VAL B 59 -55.47 1.10 -4.53
CA VAL B 59 -54.70 2.05 -3.74
C VAL B 59 -53.81 2.95 -4.60
N ASP B 60 -53.39 2.43 -5.73
CA ASP B 60 -52.61 3.23 -6.65
C ASP B 60 -53.51 4.14 -7.51
N ASP B 61 -54.76 3.75 -7.72
CA ASP B 61 -55.63 4.52 -8.60
C ASP B 61 -56.28 5.61 -7.83
N CYS B 62 -56.56 5.33 -6.56
CA CYS B 62 -57.22 6.29 -5.71
C CYS B 62 -56.31 6.56 -4.55
N GLN B 63 -55.08 6.99 -4.83
CA GLN B 63 -54.16 7.35 -3.77
C GLN B 63 -55.03 8.09 -2.72
N ASP B 64 -55.91 8.98 -3.20
CA ASP B 64 -56.75 9.80 -2.30
C ASP B 64 -57.70 9.07 -1.33
N VAL B 65 -58.43 8.05 -1.80
CA VAL B 65 -59.33 7.37 -0.85
C VAL B 65 -58.56 6.48 0.13
N ALA B 66 -57.51 5.83 -0.41
CA ALA B 66 -56.58 5.06 0.40
C ALA B 66 -56.16 5.90 1.59
N SER B 67 -55.84 7.15 1.35
CA SER B 67 -55.44 8.00 2.46
C SER B 67 -56.54 8.43 3.39
N GLU B 68 -57.64 8.98 2.83
CA GLU B 68 -58.85 9.25 3.63
C GLU B 68 -59.20 8.09 4.57
N CYS B 69 -58.76 6.87 4.21
CA CYS B 69 -59.07 5.65 4.97
C CYS B 69 -57.90 5.00 5.68
N GLU B 70 -56.84 5.75 5.94
CA GLU B 70 -55.58 5.23 6.51
C GLU B 70 -55.24 3.79 6.13
N VAL B 71 -55.14 3.51 4.84
CA VAL B 71 -54.80 2.16 4.50
C VAL B 71 -53.29 2.01 4.42
N LYS B 72 -52.76 0.97 5.05
CA LYS B 72 -51.32 0.85 5.15
C LYS B 72 -50.80 -0.22 4.26
N CYS B 73 -51.62 -1.21 4.00
CA CYS B 73 -51.15 -2.34 3.24
C CYS B 73 -52.29 -3.01 2.53
N MET B 74 -51.96 -3.95 1.67
CA MET B 74 -52.93 -4.53 0.73
C MET B 74 -52.69 -5.99 0.86
N PRO B 75 -53.73 -6.82 0.72
CA PRO B 75 -55.13 -6.44 0.76
C PRO B 75 -55.50 -6.05 2.16
N THR B 76 -56.24 -4.94 2.31
CA THR B 76 -56.93 -4.61 3.57
C THR B 76 -58.41 -4.54 3.29
N PHE B 77 -59.20 -5.10 4.18
CA PHE B 77 -60.62 -5.08 3.96
C PHE B 77 -61.31 -4.23 5.02
N GLN B 78 -62.22 -3.37 4.60
CA GLN B 78 -62.93 -2.58 5.61
C GLN B 78 -64.45 -2.77 5.53
N PHE B 79 -65.09 -2.87 6.69
CA PHE B 79 -66.54 -3.10 6.77
C PHE B 79 -67.26 -1.95 7.42
N PHE B 80 -68.34 -1.56 6.76
CA PHE B 80 -69.28 -0.52 7.21
C PHE B 80 -70.74 -1.01 7.22
N LYS B 81 -71.47 -0.49 8.21
CA LYS B 81 -72.93 -0.54 8.27
C LYS B 81 -73.36 0.91 8.51
N LYS B 82 -74.37 1.36 7.76
CA LYS B 82 -74.91 2.73 7.88
C LYS B 82 -73.98 3.77 7.25
N GLY B 83 -72.70 3.44 7.12
CA GLY B 83 -71.73 4.39 6.59
C GLY B 83 -70.47 4.38 7.43
N GLN B 84 -70.57 3.84 8.63
CA GLN B 84 -69.45 3.91 9.56
C GLN B 84 -68.76 2.57 9.73
N LYS B 85 -67.44 2.54 9.54
CA LYS B 85 -66.67 1.30 9.67
C LYS B 85 -67.12 0.55 10.91
N VAL B 86 -67.21 -0.76 10.82
CA VAL B 86 -67.39 -1.52 12.05
C VAL B 86 -66.35 -2.63 12.05
N GLY B 87 -65.84 -2.94 10.85
CA GLY B 87 -64.83 -4.00 10.74
C GLY B 87 -63.67 -3.60 9.87
N GLU B 88 -62.54 -4.29 10.08
CA GLU B 88 -61.41 -4.11 9.21
C GLU B 88 -60.22 -4.94 9.61
N PHE B 89 -59.60 -5.57 8.62
CA PHE B 89 -58.44 -6.41 8.80
C PHE B 89 -57.66 -6.43 7.50
N SER B 90 -56.37 -6.74 7.63
CA SER B 90 -55.46 -6.88 6.51
C SER B 90 -54.97 -8.31 6.33
N GLY B 91 -54.63 -8.64 5.11
CA GLY B 91 -54.00 -9.92 4.83
C GLY B 91 -54.87 -10.72 3.90
N ALA B 92 -54.28 -11.55 3.04
CA ALA B 92 -55.10 -12.37 2.10
C ALA B 92 -55.63 -13.62 2.71
N ASN B 93 -56.52 -13.57 3.65
CA ASN B 93 -56.97 -14.80 4.27
C ASN B 93 -58.45 -15.01 3.95
N LYS B 94 -58.77 -15.89 3.00
CA LYS B 94 -60.19 -16.08 2.61
C LYS B 94 -61.09 -16.24 3.84
N GLU B 95 -60.73 -17.25 4.66
CA GLU B 95 -61.48 -17.76 5.82
C GLU B 95 -61.84 -16.65 6.74
N LYS B 96 -60.81 -15.90 7.11
CA LYS B 96 -60.98 -14.72 7.91
C LYS B 96 -61.98 -13.76 7.28
N LEU B 97 -61.86 -13.58 5.97
CA LEU B 97 -62.78 -12.70 5.28
C LEU B 97 -64.26 -13.12 5.32
N GLU B 98 -64.57 -14.39 4.98
CA GLU B 98 -65.92 -14.90 5.11
C GLU B 98 -66.27 -14.84 6.56
N ALA B 99 -65.46 -15.46 7.40
CA ALA B 99 -65.68 -15.36 8.84
C ALA B 99 -66.04 -13.94 9.26
N THR B 100 -65.30 -12.92 8.81
CA THR B 100 -65.60 -11.58 9.30
C THR B 100 -66.91 -11.12 8.68
N ILE B 101 -67.14 -11.51 7.43
CA ILE B 101 -68.33 -11.07 6.70
C ILE B 101 -69.54 -11.53 7.43
N ASN B 102 -69.65 -12.85 7.56
CA ASN B 102 -70.70 -13.45 8.32
C ASN B 102 -70.71 -12.68 9.61
N GLU B 103 -69.66 -12.85 10.42
CA GLU B 103 -69.61 -12.30 11.78
C GLU B 103 -69.88 -10.78 11.86
N LEU B 104 -70.38 -10.17 10.78
CA LEU B 104 -70.68 -8.74 10.82
C LEU B 104 -71.93 -8.32 10.09
N VAL B 105 -72.42 -9.19 9.17
CA VAL B 105 -73.61 -8.91 8.35
C VAL B 105 -74.61 -8.09 9.16
N LYS C 6 -17.58 -19.92 21.80
CA LYS C 6 -17.60 -21.34 21.34
C LYS C 6 -16.54 -21.77 20.26
N SER C 7 -16.73 -21.46 18.97
CA SER C 7 -15.61 -21.53 17.99
C SER C 7 -15.35 -20.09 17.61
N PHE C 8 -14.07 -19.79 17.36
CA PHE C 8 -13.60 -18.48 16.99
C PHE C 8 -12.23 -18.68 16.37
N GLU C 9 -12.20 -18.82 15.05
CA GLU C 9 -11.05 -19.43 14.44
C GLU C 9 -10.61 -18.63 13.17
N VAL C 10 -9.30 -18.38 13.04
CA VAL C 10 -8.74 -17.74 11.87
C VAL C 10 -8.42 -18.82 10.87
N VAL C 11 -9.01 -18.74 9.70
CA VAL C 11 -8.94 -19.81 8.74
C VAL C 11 -8.49 -19.22 7.43
N PHE C 12 -7.32 -19.65 6.99
CA PHE C 12 -6.77 -19.24 5.70
C PHE C 12 -7.31 -20.08 4.55
N ASN C 13 -7.43 -19.44 3.39
CA ASN C 13 -7.82 -20.14 2.19
C ASN C 13 -6.87 -21.19 1.71
N ASP C 14 -5.57 -20.98 1.84
CA ASP C 14 -4.54 -21.97 1.53
C ASP C 14 -3.82 -22.31 2.82
N PRO C 15 -4.37 -23.24 3.57
CA PRO C 15 -3.71 -23.47 4.85
C PRO C 15 -2.24 -23.87 4.77
N GLU C 16 -1.81 -24.39 3.62
CA GLU C 16 -0.39 -24.81 3.53
C GLU C 16 0.59 -23.93 2.71
N LYS C 17 0.16 -22.74 2.30
CA LYS C 17 0.98 -22.01 1.40
C LYS C 17 2.13 -21.34 2.13
N VAL C 18 3.28 -21.27 1.49
CA VAL C 18 4.32 -20.35 1.96
C VAL C 18 4.23 -19.08 1.10
N TYR C 19 3.87 -17.95 1.69
CA TYR C 19 3.63 -16.76 0.92
C TYR C 19 4.96 -16.08 0.59
N GLY C 20 5.01 -15.52 -0.62
CA GLY C 20 6.21 -14.88 -1.09
C GLY C 20 6.04 -13.39 -1.05
N SER C 21 7.16 -12.68 -1.16
CA SER C 21 7.05 -11.26 -1.22
C SER C 21 5.97 -10.85 -2.24
N GLY C 22 5.23 -9.79 -1.95
CA GLY C 22 4.16 -9.31 -2.83
C GLY C 22 2.78 -9.96 -2.85
N GLU C 23 2.74 -11.27 -2.70
CA GLU C 23 1.50 -12.01 -2.76
C GLU C 23 0.54 -11.41 -1.79
N LYS C 24 -0.62 -12.02 -1.69
CA LYS C 24 -1.69 -11.50 -0.88
C LYS C 24 -2.22 -12.59 -0.02
N VAL C 25 -2.52 -12.25 1.22
CA VAL C 25 -2.87 -13.30 2.20
C VAL C 25 -4.32 -13.15 2.52
N ALA C 26 -5.07 -14.26 2.41
CA ALA C 26 -6.53 -14.23 2.53
C ALA C 26 -7.15 -15.42 3.22
N GLY C 27 -8.24 -15.13 3.91
CA GLY C 27 -8.96 -16.11 4.66
C GLY C 27 -10.27 -15.57 5.17
N ARG C 28 -10.71 -16.15 6.28
CA ARG C 28 -11.96 -15.86 6.90
C ARG C 28 -11.75 -15.96 8.42
N VAL C 29 -12.47 -15.16 9.20
CA VAL C 29 -12.55 -15.43 10.64
C VAL C 29 -13.89 -16.08 10.89
N ILE C 30 -13.88 -17.20 11.58
CA ILE C 30 -15.08 -18.00 11.58
C ILE C 30 -15.56 -18.24 13.01
N VAL C 31 -16.78 -17.75 13.23
CA VAL C 31 -17.34 -17.55 14.53
C VAL C 31 -18.59 -18.38 14.67
N GLU C 32 -18.57 -19.23 15.69
CA GLU C 32 -19.72 -20.07 16.01
C GLU C 32 -20.04 -19.90 17.46
N VAL C 33 -21.33 -20.07 17.77
CA VAL C 33 -21.92 -19.78 19.11
C VAL C 33 -23.00 -20.82 19.56
N CYS C 34 -23.02 -21.09 20.89
CA CYS C 34 -24.02 -22.00 21.51
C CYS C 34 -25.22 -21.38 22.23
N GLU C 35 -25.14 -20.06 22.48
CA GLU C 35 -26.30 -19.20 22.78
C GLU C 35 -26.17 -17.72 22.33
N VAL C 36 -27.27 -17.21 21.76
CA VAL C 36 -27.52 -15.80 21.39
C VAL C 36 -26.56 -14.73 22.00
N THR C 37 -25.86 -13.98 21.14
CA THR C 37 -24.88 -12.95 21.56
C THR C 37 -24.88 -11.65 20.75
N ARG C 38 -24.61 -10.52 21.41
CA ARG C 38 -24.49 -9.23 20.71
C ARG C 38 -23.03 -8.81 20.50
N VAL C 39 -22.61 -8.60 19.24
CA VAL C 39 -21.20 -8.33 18.91
C VAL C 39 -20.86 -6.91 18.47
N LYS C 40 -20.09 -6.20 19.29
CA LYS C 40 -19.71 -4.81 18.97
C LYS C 40 -18.79 -4.68 17.73
N ALA C 41 -17.91 -5.67 17.53
CA ALA C 41 -16.90 -5.66 16.45
C ALA C 41 -16.22 -7.01 16.31
N VAL C 42 -15.88 -7.37 15.06
CA VAL C 42 -14.81 -8.39 14.78
C VAL C 42 -13.58 -7.72 14.07
N ARG C 43 -12.43 -7.69 14.75
CA ARG C 43 -11.19 -7.00 14.24
C ARG C 43 -10.07 -7.99 13.94
N ILE C 44 -9.14 -7.58 13.09
CA ILE C 44 -7.89 -8.28 12.96
C ILE C 44 -6.67 -7.36 12.87
N LEU C 45 -5.58 -7.86 13.44
CA LEU C 45 -4.25 -7.32 13.17
C LEU C 45 -3.39 -8.48 12.69
N ALA C 46 -2.55 -8.18 11.69
CA ALA C 46 -1.66 -9.12 11.07
C ALA C 46 -0.24 -8.57 11.06
N CYS C 47 0.69 -9.27 11.67
CA CYS C 47 2.04 -8.73 11.73
C CYS C 47 3.05 -9.62 11.14
N GLY C 48 4.19 -9.01 10.86
CA GLY C 48 5.38 -9.74 10.49
C GLY C 48 6.51 -8.99 11.14
N VAL C 49 7.32 -9.72 11.89
CA VAL C 49 8.41 -9.04 12.56
C VAL C 49 9.61 -9.94 12.72
N ALA C 50 10.78 -9.36 12.56
CA ALA C 50 12.09 -10.01 12.83
C ALA C 50 12.77 -9.44 14.07
N LYS C 51 13.39 -10.32 14.83
CA LYS C 51 14.29 -9.92 15.91
C LYS C 51 15.62 -10.58 15.64
N VAL C 52 16.63 -9.80 15.33
CA VAL C 52 17.98 -10.34 15.39
C VAL C 52 18.59 -9.98 16.77
N LEU C 53 19.25 -10.95 17.41
CA LEU C 53 19.62 -10.81 18.81
C LEU C 53 20.96 -11.56 19.04
N TRP C 54 21.92 -10.95 19.74
CA TRP C 54 23.26 -11.58 19.97
C TRP C 54 24.01 -10.98 21.14
N MET C 55 24.96 -11.72 21.65
CA MET C 55 25.87 -11.17 22.66
C MET C 55 27.10 -10.61 22.00
N GLN C 56 27.59 -9.50 22.52
CA GLN C 56 28.84 -8.93 22.09
C GLN C 56 29.48 -8.77 23.43
N GLY C 57 30.32 -9.76 23.77
CA GLY C 57 30.83 -9.91 25.10
C GLY C 57 29.70 -9.86 26.09
N SER C 58 29.83 -8.98 27.06
CA SER C 58 28.96 -8.96 28.24
C SER C 58 27.55 -8.43 27.98
N GLN C 59 27.32 -7.94 26.75
CA GLN C 59 26.24 -7.01 26.41
C GLN C 59 25.45 -7.56 25.21
N GLN C 60 24.14 -7.43 25.27
CA GLN C 60 23.28 -7.95 24.20
C GLN C 60 22.94 -6.87 23.21
N CYS C 61 22.88 -7.22 21.93
CA CYS C 61 22.56 -6.25 20.89
C CYS C 61 21.39 -6.80 20.14
N LYS C 62 20.38 -5.96 19.95
CA LYS C 62 19.15 -6.38 19.29
C LYS C 62 18.76 -5.43 18.15
N GLN C 63 18.50 -5.97 16.95
CA GLN C 63 17.75 -5.24 15.92
C GLN C 63 16.35 -5.82 15.72
N THR C 64 15.32 -4.95 15.71
CA THR C 64 13.93 -5.34 15.44
C THR C 64 13.40 -4.82 14.05
N SER C 65 12.83 -5.66 13.22
CA SER C 65 12.27 -5.19 11.98
C SER C 65 10.82 -5.60 11.74
N GLU C 66 9.91 -4.62 11.57
CA GLU C 66 8.53 -4.89 11.14
C GLU C 66 8.47 -4.95 9.64
N TYR C 67 7.92 -6.05 9.11
CA TYR C 67 7.69 -6.17 7.66
C TYR C 67 6.26 -5.95 7.26
N LEU C 68 5.35 -5.95 8.24
CA LEU C 68 3.95 -5.97 7.95
C LEU C 68 3.14 -5.53 9.13
N ARG C 69 2.74 -4.27 9.15
CA ARG C 69 1.81 -3.79 10.15
C ARG C 69 0.48 -3.40 9.54
N TYR C 70 -0.50 -4.28 9.74
CA TYR C 70 -1.71 -4.24 8.96
C TYR C 70 -2.82 -4.46 9.99
N GLU C 71 -3.70 -3.47 10.19
CA GLU C 71 -4.82 -3.63 11.14
C GLU C 71 -6.11 -3.43 10.36
N ASP C 72 -7.26 -3.82 10.92
CA ASP C 72 -8.50 -3.65 10.16
C ASP C 72 -9.74 -4.24 10.84
N THR C 73 -10.94 -3.68 10.57
CA THR C 73 -12.23 -4.22 11.12
C THR C 73 -13.02 -4.93 10.07
N LEU C 74 -13.42 -6.16 10.38
CA LEU C 74 -14.18 -6.99 9.47
C LEU C 74 -15.69 -6.82 9.50
N LEU C 75 -16.25 -6.77 8.29
CA LEU C 75 -17.68 -6.60 8.02
C LEU C 75 -18.32 -7.85 7.46
N LEU C 76 -19.49 -8.23 7.95
CA LEU C 76 -20.25 -9.30 7.32
C LEU C 76 -21.15 -8.74 6.25
N GLU C 77 -21.36 -9.55 5.21
CA GLU C 77 -22.30 -9.25 4.11
C GLU C 77 -23.71 -8.77 4.57
N ASP C 78 -24.18 -9.27 5.70
CA ASP C 78 -25.48 -8.92 6.21
C ASP C 78 -25.47 -7.62 7.05
N GLN C 79 -24.30 -6.96 7.15
CA GLN C 79 -24.10 -5.68 7.90
C GLN C 79 -23.99 -4.52 6.92
N PRO C 80 -25.02 -4.25 6.12
CA PRO C 80 -24.75 -3.31 5.06
C PRO C 80 -24.60 -1.83 5.53
N THR C 81 -25.06 -1.54 6.73
CA THR C 81 -24.92 -0.22 7.33
C THR C 81 -23.59 -0.07 8.01
N GLY C 82 -22.70 -1.01 7.74
CA GLY C 82 -21.36 -0.96 8.25
C GLY C 82 -21.20 -1.24 9.73
N GLU C 83 -20.11 -0.66 10.25
CA GLU C 83 -19.45 -1.19 11.44
C GLU C 83 -19.66 -0.40 12.74
N ASN C 84 -20.14 0.86 12.66
CA ASN C 84 -20.71 1.46 13.89
C ASN C 84 -22.11 0.93 14.19
N GLU C 85 -22.41 -0.18 13.52
CA GLU C 85 -23.63 -0.92 13.69
C GLU C 85 -23.26 -2.28 14.22
N MET C 86 -24.22 -2.89 14.89
CA MET C 86 -24.01 -4.06 15.73
C MET C 86 -24.80 -5.26 15.30
N VAL C 87 -24.25 -6.42 15.63
CA VAL C 87 -24.73 -7.70 15.13
C VAL C 87 -25.30 -8.57 16.24
N ILE C 88 -25.90 -9.69 15.82
CA ILE C 88 -26.85 -10.49 16.60
C ILE C 88 -26.71 -11.99 16.29
N MET C 89 -25.94 -12.70 17.13
CA MET C 89 -25.48 -14.08 16.82
C MET C 89 -26.19 -15.28 17.53
N ARG C 90 -27.16 -15.85 16.81
CA ARG C 90 -27.86 -17.06 17.24
C ARG C 90 -27.07 -18.30 16.84
N PRO C 91 -27.19 -19.39 17.64
CA PRO C 91 -26.60 -20.71 17.30
C PRO C 91 -26.92 -21.25 15.91
N GLY C 92 -26.29 -22.36 15.53
CA GLY C 92 -26.69 -23.11 14.34
C GLY C 92 -26.29 -22.65 12.93
N ASN C 93 -25.67 -21.46 12.77
CA ASN C 93 -25.08 -21.06 11.44
C ASN C 93 -23.66 -20.47 11.55
N LYS C 94 -22.85 -20.70 10.52
CA LYS C 94 -21.43 -20.29 10.61
C LYS C 94 -21.24 -18.83 10.16
N TYR C 95 -20.70 -18.00 11.05
CA TYR C 95 -20.44 -16.59 10.72
C TYR C 95 -19.01 -16.38 10.19
N GLU C 96 -18.95 -15.97 8.94
CA GLU C 96 -17.71 -15.89 8.21
C GLU C 96 -17.39 -14.45 7.84
N TYR C 97 -16.35 -13.92 8.45
CA TYR C 97 -15.82 -12.60 8.15
C TYR C 97 -14.63 -12.68 7.18
N LYS C 98 -14.74 -12.12 6.01
CA LYS C 98 -13.62 -12.23 5.05
C LYS C 98 -12.53 -11.21 5.28
N PHE C 99 -11.26 -11.62 5.08
CA PHE C 99 -10.16 -10.67 5.18
C PHE C 99 -9.11 -10.98 4.18
N GLY C 100 -8.39 -9.92 3.81
CA GLY C 100 -7.28 -10.02 2.86
C GLY C 100 -6.27 -8.89 3.06
N PHE C 101 -5.05 -9.12 2.59
CA PHE C 101 -4.01 -8.07 2.50
C PHE C 101 -2.83 -8.63 1.71
N GLU C 102 -2.01 -7.70 1.25
CA GLU C 102 -0.81 -8.13 0.58
C GLU C 102 0.41 -8.01 1.43
N LEU C 103 1.36 -8.85 1.09
CA LEU C 103 2.65 -8.72 1.65
C LEU C 103 3.36 -7.59 0.90
N PRO C 104 4.02 -6.71 1.67
CA PRO C 104 4.86 -5.65 1.17
C PRO C 104 5.81 -6.18 0.12
N GLN C 105 6.40 -5.20 -0.56
CA GLN C 105 7.10 -5.38 -1.80
C GLN C 105 8.43 -6.01 -1.62
N GLY C 106 9.08 -5.65 -0.52
CA GLY C 106 10.51 -5.61 -0.48
C GLY C 106 11.08 -6.96 -0.17
N PRO C 107 12.12 -6.99 0.64
CA PRO C 107 12.59 -8.24 1.20
C PRO C 107 11.90 -8.46 2.54
N LEU C 108 11.32 -9.63 2.74
CA LEU C 108 10.69 -9.96 4.01
C LEU C 108 11.60 -10.83 4.89
N GLY C 109 11.44 -10.82 6.20
CA GLY C 109 12.49 -11.38 7.08
C GLY C 109 12.86 -12.85 6.78
N THR C 110 11.89 -13.55 6.20
CA THR C 110 11.91 -15.00 5.86
C THR C 110 11.79 -16.12 6.96
N SER C 111 10.60 -16.29 7.57
CA SER C 111 10.30 -17.33 8.61
C SER C 111 11.48 -18.24 9.08
N PHE C 112 11.90 -18.05 10.35
CA PHE C 112 13.23 -18.46 10.89
C PHE C 112 12.93 -18.70 12.37
N LYS C 113 13.73 -19.51 13.04
CA LYS C 113 13.76 -19.63 14.51
C LYS C 113 15.07 -20.30 14.79
N GLY C 114 16.16 -19.56 14.59
CA GLY C 114 17.51 -20.13 14.53
C GLY C 114 18.47 -19.41 15.48
N LYS C 115 19.72 -19.21 15.02
CA LYS C 115 20.72 -18.88 16.01
C LYS C 115 20.50 -17.47 16.61
N TYR C 116 20.52 -16.46 15.77
CA TYR C 116 20.32 -15.12 16.29
C TYR C 116 18.89 -14.57 16.13
N GLY C 117 17.91 -15.38 16.50
CA GLY C 117 16.52 -14.97 16.53
C GLY C 117 15.64 -15.45 15.40
N CYS C 118 14.47 -14.82 15.33
CA CYS C 118 13.35 -15.31 14.51
C CYS C 118 12.60 -14.28 13.71
N VAL C 119 11.67 -14.77 12.90
CA VAL C 119 10.77 -13.94 12.12
C VAL C 119 9.42 -14.60 12.18
N ASP C 120 8.40 -13.94 12.74
CA ASP C 120 7.06 -14.52 12.72
C ASP C 120 6.06 -13.60 12.05
N TYR C 121 5.18 -14.24 11.27
CA TYR C 121 4.02 -13.60 10.72
C TYR C 121 2.85 -14.43 11.24
N TRP C 122 1.77 -13.73 11.57
CA TRP C 122 0.56 -14.33 12.11
C TRP C 122 -0.59 -13.34 11.92
N VAL C 123 -1.80 -13.80 12.15
CA VAL C 123 -2.96 -12.92 12.12
C VAL C 123 -3.66 -13.13 13.43
N LYS C 124 -4.01 -12.00 14.05
CA LYS C 124 -4.68 -11.95 15.34
C LYS C 124 -6.10 -11.48 15.08
N ALA C 125 -7.07 -12.20 15.67
CA ALA C 125 -8.48 -11.85 15.59
C ALA C 125 -9.03 -11.54 16.98
N PHE C 126 -9.42 -10.28 17.17
CA PHE C 126 -10.05 -9.88 18.40
C PHE C 126 -11.53 -9.92 18.25
N LEU C 127 -12.24 -10.47 19.23
CA LEU C 127 -13.71 -10.34 19.26
C LEU C 127 -14.26 -9.40 20.43
N ASP C 128 -15.43 -8.80 20.23
CA ASP C 128 -16.04 -7.94 21.28
C ASP C 128 -17.54 -8.23 21.56
N ARG C 129 -17.81 -9.23 22.44
CA ARG C 129 -19.15 -9.60 22.96
C ARG C 129 -19.91 -8.39 23.65
N PRO C 130 -21.16 -8.63 24.21
CA PRO C 130 -22.03 -7.68 24.98
C PRO C 130 -21.34 -6.50 25.67
N SER C 131 -20.86 -6.78 26.87
CA SER C 131 -20.18 -5.82 27.70
C SER C 131 -18.93 -6.44 28.29
N GLN C 132 -18.08 -6.97 27.42
CA GLN C 132 -17.03 -7.93 27.79
C GLN C 132 -15.63 -7.51 27.33
N PRO C 133 -14.56 -8.10 27.94
CA PRO C 133 -13.30 -7.63 27.41
C PRO C 133 -13.07 -8.42 26.10
N THR C 134 -12.07 -7.99 25.34
CA THR C 134 -11.97 -8.41 23.97
C THR C 134 -11.23 -9.74 23.93
N GLN C 135 -11.94 -10.80 23.59
CA GLN C 135 -11.34 -12.13 23.41
C GLN C 135 -10.30 -12.21 22.25
N GLU C 136 -9.46 -13.26 22.24
CA GLU C 136 -8.38 -13.43 21.24
C GLU C 136 -8.20 -14.79 20.60
N THR C 137 -7.72 -14.77 19.37
CA THR C 137 -7.20 -15.96 18.68
C THR C 137 -6.11 -15.45 17.73
N LYS C 138 -5.03 -16.21 17.62
CA LYS C 138 -3.86 -15.84 16.79
C LYS C 138 -3.45 -17.03 15.89
N LYS C 139 -3.14 -16.86 14.61
CA LYS C 139 -2.69 -18.04 13.86
C LYS C 139 -1.52 -17.73 12.92
N ASN C 140 -0.47 -18.52 12.96
CA ASN C 140 0.70 -18.19 12.16
C ASN C 140 0.50 -18.48 10.70
N PHE C 141 1.22 -17.75 9.87
CA PHE C 141 1.44 -18.15 8.53
C PHE C 141 2.94 -18.03 8.16
N GLU C 142 3.31 -18.78 7.10
CA GLU C 142 4.68 -18.94 6.61
C GLU C 142 4.99 -18.08 5.41
N VAL C 143 6.23 -17.65 5.33
CA VAL C 143 6.66 -16.57 4.45
C VAL C 143 8.06 -16.93 4.04
N VAL C 144 8.52 -16.48 2.86
CA VAL C 144 9.84 -16.84 2.32
C VAL C 144 10.43 -15.86 1.35
N ASP C 145 11.59 -15.32 1.70
CA ASP C 145 12.24 -14.42 0.74
C ASP C 145 13.04 -15.20 -0.33
N LEU C 146 12.89 -14.76 -1.60
CA LEU C 146 13.09 -15.55 -2.86
C LEU C 146 14.56 -15.87 -3.23
N PRO C 152 23.80 -17.01 5.08
CA PRO C 152 25.07 -16.44 5.56
C PRO C 152 24.96 -16.14 7.06
N ASP C 153 25.97 -16.55 7.85
CA ASP C 153 25.91 -16.42 9.31
C ASP C 153 26.34 -15.05 9.77
N LEU C 154 25.50 -14.44 10.58
CA LEU C 154 25.75 -13.18 11.24
C LEU C 154 27.17 -12.89 11.68
N MET C 155 27.94 -13.89 11.99
CA MET C 155 29.26 -13.58 12.54
C MET C 155 30.42 -13.95 11.62
N ALA C 156 30.11 -14.53 10.46
CA ALA C 156 31.15 -14.80 9.47
C ALA C 156 31.67 -13.49 8.79
N PRO C 157 32.87 -13.51 8.20
CA PRO C 157 33.35 -12.32 7.61
C PRO C 157 32.62 -12.12 6.31
N VAL C 158 32.41 -10.87 5.93
CA VAL C 158 31.73 -10.50 4.69
C VAL C 158 32.75 -9.77 3.84
N SER C 159 32.60 -9.89 2.52
CA SER C 159 33.66 -9.40 1.60
C SER C 159 33.27 -9.49 0.13
N ALA C 160 33.89 -8.65 -0.68
CA ALA C 160 33.48 -8.54 -2.07
C ALA C 160 34.65 -7.90 -2.79
N LYS C 161 34.65 -8.00 -4.12
CA LYS C 161 35.60 -7.27 -4.94
C LYS C 161 34.95 -6.86 -6.24
N LYS C 162 35.41 -5.75 -6.78
CA LYS C 162 34.89 -5.29 -8.04
C LYS C 162 35.95 -4.58 -8.84
N GLU C 163 35.79 -4.64 -10.14
CA GLU C 163 36.73 -4.13 -11.10
C GLU C 163 35.96 -3.39 -12.26
N LYS C 164 36.39 -2.18 -12.60
CA LYS C 164 35.83 -1.43 -13.74
C LYS C 164 36.95 -0.93 -14.64
N LYS C 165 36.66 -0.97 -15.93
CA LYS C 165 37.51 -0.58 -17.01
C LYS C 165 37.35 0.92 -17.01
N VAL C 166 38.44 1.68 -16.83
CA VAL C 166 38.41 3.13 -16.94
C VAL C 166 39.43 3.50 -17.99
N SER C 167 39.01 3.61 -19.23
CA SER C 167 40.03 3.59 -20.25
C SER C 167 40.33 4.97 -20.70
N SER C 168 41.39 5.03 -21.48
CA SER C 168 42.22 6.19 -21.73
C SER C 168 42.58 5.91 -23.17
N MET C 169 42.81 6.94 -23.95
CA MET C 169 43.41 6.70 -25.26
C MET C 169 44.81 6.05 -25.13
N PHE C 170 45.58 6.47 -24.12
CA PHE C 170 46.93 5.94 -23.96
C PHE C 170 47.00 4.83 -22.93
N ILE C 171 45.96 4.67 -22.12
CA ILE C 171 45.86 3.44 -21.35
C ILE C 171 44.57 2.66 -21.69
N PRO C 172 44.49 1.99 -22.86
CA PRO C 172 43.20 1.33 -23.16
C PRO C 172 42.77 0.31 -22.13
N ASP C 173 43.71 -0.36 -21.48
CA ASP C 173 43.35 -1.44 -20.56
C ASP C 173 43.31 -0.89 -19.13
N GLY C 174 43.22 0.43 -19.01
CA GLY C 174 43.05 1.07 -17.73
C GLY C 174 41.90 0.50 -16.90
N ARG C 175 42.20 0.22 -15.64
CA ARG C 175 41.21 -0.39 -14.74
C ARG C 175 41.29 0.18 -13.32
N VAL C 176 40.16 0.19 -12.64
CA VAL C 176 40.08 0.54 -11.23
C VAL C 176 39.38 -0.61 -10.57
N SER C 177 39.90 -1.03 -9.42
CA SER C 177 39.34 -2.17 -8.72
C SER C 177 39.54 -1.98 -7.27
N VAL C 178 38.69 -2.68 -6.49
CA VAL C 178 38.68 -2.62 -5.05
C VAL C 178 38.25 -3.94 -4.47
N SER C 179 38.88 -4.37 -3.40
CA SER C 179 38.22 -5.40 -2.68
C SER C 179 38.38 -5.15 -1.22
N ALA C 180 37.37 -5.52 -0.45
CA ALA C 180 37.29 -5.21 0.95
C ALA C 180 36.77 -6.40 1.64
N ARG C 181 37.07 -6.43 2.95
CA ARG C 181 36.66 -7.46 3.89
C ARG C 181 36.37 -6.81 5.28
N ILE C 182 35.31 -7.27 5.94
CA ILE C 182 35.03 -6.95 7.36
C ILE C 182 34.85 -8.26 8.15
N ASP C 183 35.00 -8.22 9.47
CA ASP C 183 35.07 -9.47 10.26
C ASP C 183 33.73 -10.23 10.51
N ARG C 184 32.64 -9.49 10.74
CA ARG C 184 31.33 -10.05 10.93
C ARG C 184 30.33 -9.14 10.18
N LYS C 185 29.04 -9.48 10.22
CA LYS C 185 28.10 -8.59 9.63
C LYS C 185 27.27 -7.79 10.68
N GLY C 186 27.39 -8.14 11.96
CA GLY C 186 26.53 -7.58 12.96
C GLY C 186 27.36 -6.69 13.86
N PHE C 187 26.95 -5.46 13.98
CA PHE C 187 27.60 -4.55 14.91
C PHE C 187 26.58 -3.95 15.82
N CYS C 188 27.03 -3.63 17.02
CA CYS C 188 26.27 -2.86 17.96
C CYS C 188 26.58 -1.39 17.78
N GLU C 189 25.59 -0.55 18.01
CA GLU C 189 25.81 0.89 17.92
C GLU C 189 26.95 1.15 18.89
N GLY C 190 27.96 1.88 18.42
CA GLY C 190 29.10 2.25 19.20
C GLY C 190 30.38 1.58 18.79
N ASP C 191 30.29 0.37 18.27
CA ASP C 191 31.48 -0.37 17.90
C ASP C 191 31.94 0.31 16.66
N GLU C 192 33.18 0.02 16.29
CA GLU C 192 33.59 0.49 14.99
C GLU C 192 33.68 -0.62 14.00
N ILE C 193 33.47 -0.31 12.73
CA ILE C 193 33.78 -1.28 11.69
C ILE C 193 35.21 -1.04 11.25
N SER C 194 36.01 -2.08 11.36
CA SER C 194 37.44 -2.14 11.00
C SER C 194 37.50 -2.64 9.56
N ILE C 195 37.78 -1.76 8.60
CA ILE C 195 37.77 -2.21 7.16
C ILE C 195 39.19 -2.53 6.61
N HIS C 196 39.34 -3.76 6.10
CA HIS C 196 40.51 -4.23 5.35
C HIS C 196 40.23 -4.17 3.86
N ALA C 197 40.96 -3.34 3.12
CA ALA C 197 40.65 -3.09 1.68
C ALA C 197 41.90 -2.86 0.83
N ASP C 198 41.89 -3.42 -0.38
CA ASP C 198 42.99 -3.20 -1.30
C ASP C 198 42.41 -2.63 -2.57
N PHE C 199 43.00 -1.54 -3.01
CA PHE C 199 42.62 -0.75 -4.15
C PHE C 199 43.80 -0.68 -5.15
N GLU C 200 43.51 -0.96 -6.44
CA GLU C 200 44.44 -0.87 -7.55
C GLU C 200 43.91 0.11 -8.61
N ASN C 201 44.78 0.99 -9.10
CA ASN C 201 44.39 1.97 -10.11
C ASN C 201 45.43 2.00 -11.22
N THR C 202 45.12 1.37 -12.36
CA THR C 202 45.99 1.47 -13.55
C THR C 202 45.40 2.44 -14.60
N SER C 203 44.47 3.27 -14.17
CA SER C 203 43.77 4.11 -15.11
C SER C 203 44.56 5.41 -15.13
N SER C 204 44.10 6.39 -15.90
CA SER C 204 44.86 7.63 -16.02
C SER C 204 44.38 8.65 -15.02
N ARG C 205 43.31 8.33 -14.28
CA ARG C 205 42.86 9.28 -13.29
C ARG C 205 43.45 9.04 -11.92
N ILE C 206 43.34 10.07 -11.08
CA ILE C 206 43.56 10.00 -9.68
C ILE C 206 42.22 9.68 -9.06
N VAL C 207 42.16 8.60 -8.30
CA VAL C 207 40.91 8.09 -7.77
C VAL C 207 40.95 8.21 -6.26
N VAL C 208 39.79 8.23 -5.66
CA VAL C 208 39.68 8.45 -4.24
C VAL C 208 38.77 7.38 -3.60
N PRO C 209 39.36 6.51 -2.77
CA PRO C 209 38.57 5.49 -2.07
C PRO C 209 37.85 6.14 -0.86
N LYS C 210 36.59 5.75 -0.62
CA LYS C 210 35.76 6.29 0.41
C LYS C 210 34.99 5.14 0.96
N ALA C 211 34.49 5.25 2.20
CA ALA C 211 33.49 4.30 2.72
C ALA C 211 32.47 5.02 3.56
N ALA C 212 31.35 4.37 3.88
CA ALA C 212 30.16 5.04 4.45
C ALA C 212 29.16 4.00 4.86
N ILE C 213 28.55 4.25 6.00
CA ILE C 213 27.39 3.47 6.37
C ILE C 213 26.16 4.13 5.79
N VAL C 214 25.38 3.41 5.04
CA VAL C 214 24.13 4.04 4.62
C VAL C 214 22.88 3.30 5.11
N ALA C 215 21.92 4.05 5.66
CA ALA C 215 20.72 3.44 6.28
C ALA C 215 19.47 3.67 5.47
N ARG C 216 18.72 2.62 5.20
CA ARG C 216 17.38 2.85 4.61
C ARG C 216 16.26 2.63 5.62
N HIS C 217 15.60 3.72 6.00
CA HIS C 217 14.47 3.69 6.95
C HIS C 217 13.17 3.48 6.20
N THR C 218 12.44 2.39 6.52
CA THR C 218 11.15 2.11 5.89
C THR C 218 10.10 2.57 6.83
N TYR C 219 9.18 3.40 6.36
CA TYR C 219 8.25 3.92 7.32
C TYR C 219 6.94 4.15 6.62
N LEU C 220 5.88 4.38 7.40
CA LEU C 220 4.48 4.58 6.88
C LEU C 220 4.14 6.04 6.86
N ALA C 221 4.08 6.59 5.66
CA ALA C 221 3.49 7.89 5.46
C ALA C 221 2.32 7.46 4.63
N ASN C 222 1.51 8.40 4.20
CA ASN C 222 0.21 8.01 3.71
C ASN C 222 -0.06 8.16 2.21
N GLY C 223 -0.74 7.14 1.67
CA GLY C 223 -1.08 5.94 2.46
C GLY C 223 -0.06 4.92 2.01
N GLN C 224 1.19 5.14 2.37
CA GLN C 224 2.20 4.26 1.82
C GLN C 224 3.33 3.90 2.77
N THR C 225 4.05 2.89 2.31
CA THR C 225 5.33 2.52 2.85
C THR C 225 6.31 3.34 2.02
N LYS C 226 6.96 4.34 2.63
CA LYS C 226 8.06 5.03 1.90
C LYS C 226 9.45 4.53 2.38
N VAL C 227 10.53 5.00 1.76
CA VAL C 227 11.88 4.63 2.19
C VAL C 227 12.67 5.90 2.29
N LEU C 228 13.18 6.23 3.48
CA LEU C 228 14.10 7.35 3.65
C LEU C 228 15.54 6.80 3.77
N THR C 229 16.46 7.31 2.97
CA THR C 229 17.88 6.93 2.93
C THR C 229 18.79 8.03 3.50
N GLN C 230 19.79 7.62 4.24
CA GLN C 230 20.57 8.54 5.02
C GLN C 230 22.00 8.03 5.03
N LYS C 231 22.93 8.89 4.65
CA LYS C 231 24.33 8.61 4.85
C LYS C 231 24.70 8.96 6.29
N LEU C 232 25.23 7.97 6.96
CA LEU C 232 25.24 8.00 8.37
C LEU C 232 26.61 8.02 8.96
N SER C 233 27.69 8.35 8.24
CA SER C 233 28.98 8.12 8.84
C SER C 233 29.92 7.65 7.79
N SER C 234 31.03 8.37 7.59
CA SER C 234 31.92 8.00 6.49
C SER C 234 33.37 8.41 6.65
N VAL C 235 34.19 7.90 5.74
CA VAL C 235 35.63 8.10 5.74
C VAL C 235 36.13 8.27 4.35
N ARG C 236 37.31 8.85 4.30
CA ARG C 236 37.94 9.24 3.06
C ARG C 236 39.40 8.83 3.13
N GLY C 237 39.86 7.98 2.22
CA GLY C 237 41.27 7.59 2.21
C GLY C 237 42.07 8.64 1.45
N ASN C 238 43.37 8.45 1.36
CA ASN C 238 44.21 9.15 0.41
C ASN C 238 43.97 8.97 -1.10
N HIS C 239 44.07 10.06 -1.86
CA HIS C 239 44.05 10.06 -3.34
C HIS C 239 44.97 8.91 -3.78
N ILE C 240 44.50 8.02 -4.65
CA ILE C 240 45.39 7.00 -5.17
C ILE C 240 45.77 7.39 -6.58
N ILE C 241 47.06 7.62 -6.83
CA ILE C 241 47.45 8.18 -8.13
C ILE C 241 47.59 7.09 -9.14
N SER C 242 47.50 7.52 -10.40
CA SER C 242 47.61 6.61 -11.53
C SER C 242 48.82 5.72 -11.46
N GLY C 243 48.65 4.46 -11.77
CA GLY C 243 49.72 3.48 -11.69
C GLY C 243 50.15 3.06 -10.29
N THR C 244 49.20 2.89 -9.37
CA THR C 244 49.53 2.41 -8.04
C THR C 244 48.42 1.65 -7.35
N CYS C 245 48.78 1.03 -6.24
CA CYS C 245 47.83 0.34 -5.39
C CYS C 245 48.00 0.92 -4.02
N ALA C 246 47.05 0.63 -3.14
CA ALA C 246 47.08 1.13 -1.75
C ALA C 246 46.17 0.22 -0.92
N SER C 247 46.30 0.22 0.41
CA SER C 247 45.51 -0.72 1.21
C SER C 247 45.06 -0.15 2.51
N TRP C 248 43.80 -0.41 2.89
CA TRP C 248 43.39 -0.14 4.26
C TRP C 248 43.63 -1.36 5.15
N ARG C 249 44.36 -1.15 6.24
CA ARG C 249 44.64 -2.28 7.15
C ARG C 249 43.84 -2.06 8.41
N GLY C 250 42.54 -2.25 8.28
CA GLY C 250 41.67 -2.01 9.43
C GLY C 250 41.35 -0.53 9.65
N LYS C 251 41.11 0.19 8.57
CA LYS C 251 40.60 1.56 8.63
C LYS C 251 39.26 1.46 9.36
N SER C 252 39.10 2.27 10.39
CA SER C 252 38.01 2.02 11.24
C SER C 252 36.87 3.02 10.98
N LEU C 253 35.64 2.61 11.30
CA LEU C 253 34.44 3.40 10.98
C LEU C 253 33.37 3.18 12.02
N ARG C 254 33.10 4.20 12.81
CA ARG C 254 32.21 4.08 13.93
C ARG C 254 30.78 3.93 13.49
N VAL C 255 29.99 3.21 14.29
CA VAL C 255 28.55 3.03 14.12
C VAL C 255 27.82 3.79 15.23
N GLN C 256 27.03 4.83 14.95
CA GLN C 256 26.17 5.41 16.06
C GLN C 256 24.63 5.27 15.88
N LEU C 263 12.38 9.89 11.90
CA LEU C 263 10.94 10.18 12.05
C LEU C 263 10.27 9.49 13.27
N GLY C 264 9.03 8.97 13.16
CA GLY C 264 8.29 8.45 14.34
C GLY C 264 8.02 6.96 14.49
N SER C 265 7.00 6.58 15.28
CA SER C 265 6.60 5.15 15.45
C SER C 265 5.86 4.58 14.21
N ASN C 266 5.81 5.38 13.16
CA ASN C 266 5.55 4.89 11.82
C ASN C 266 6.84 4.29 11.20
N ILE C 267 7.97 4.37 11.93
CA ILE C 267 9.27 3.69 11.59
C ILE C 267 9.30 2.10 11.73
N LEU C 268 9.24 1.37 10.62
CA LEU C 268 9.03 -0.07 10.63
C LEU C 268 10.27 -0.86 10.83
N ARG C 269 11.27 -0.53 10.03
CA ARG C 269 12.57 -1.15 10.09
C ARG C 269 13.60 -0.27 9.41
N VAL C 270 14.86 -0.58 9.63
CA VAL C 270 15.97 0.20 9.04
C VAL C 270 16.88 -0.83 8.39
N GLU C 271 17.36 -0.64 7.18
CA GLU C 271 18.35 -1.60 6.65
C GLU C 271 19.69 -0.92 6.43
N TYR C 272 20.79 -1.63 6.61
CA TYR C 272 22.08 -0.95 6.59
C TYR C 272 23.06 -1.61 5.66
N SER C 273 23.84 -0.80 4.97
CA SER C 273 24.93 -1.32 4.18
C SER C 273 26.15 -0.55 4.54
N LEU C 274 27.27 -1.26 4.57
CA LEU C 274 28.52 -0.58 4.47
C LEU C 274 28.88 -0.45 2.99
N LEU C 275 29.12 0.79 2.58
CA LEU C 275 29.53 1.04 1.21
C LEU C 275 30.97 1.31 1.28
N ILE C 276 31.73 0.59 0.46
CA ILE C 276 33.12 0.86 0.23
C ILE C 276 33.23 1.00 -1.24
N TYR C 277 33.44 2.25 -1.67
CA TYR C 277 33.55 2.57 -3.10
C TYR C 277 34.80 3.45 -3.44
N VAL C 278 35.07 3.52 -4.75
CA VAL C 278 36.09 4.37 -5.30
C VAL C 278 35.55 5.39 -6.27
N SER C 279 35.93 6.65 -6.07
CA SER C 279 35.50 7.70 -6.99
C SER C 279 36.52 7.86 -8.09
N VAL C 280 36.05 7.79 -9.33
CA VAL C 280 36.82 8.02 -10.50
C VAL C 280 36.33 9.35 -11.09
N PRO C 281 37.13 10.44 -11.10
CA PRO C 281 36.58 11.65 -11.77
C PRO C 281 36.21 11.44 -13.26
N GLY C 282 35.01 11.88 -13.67
CA GLY C 282 34.54 11.72 -15.05
C GLY C 282 34.23 10.30 -15.49
N SER C 283 33.54 9.55 -14.64
CA SER C 283 33.24 8.13 -14.90
C SER C 283 32.41 7.60 -13.71
N LYS C 284 31.68 6.52 -13.86
CA LYS C 284 30.88 6.09 -12.69
C LYS C 284 31.73 5.52 -11.50
N LYS C 285 31.26 5.72 -10.27
CA LYS C 285 31.88 5.10 -9.09
C LYS C 285 32.02 3.56 -9.19
N VAL C 286 32.99 3.01 -8.49
CA VAL C 286 33.00 1.55 -8.28
C VAL C 286 32.67 1.22 -6.84
N ILE C 287 31.56 0.50 -6.70
CA ILE C 287 30.86 0.27 -5.42
C ILE C 287 30.80 -1.18 -4.96
N LEU C 288 31.30 -1.46 -3.76
CA LEU C 288 31.00 -2.71 -3.14
C LEU C 288 29.93 -2.29 -2.20
N ASP C 289 28.93 -3.14 -2.02
CA ASP C 289 27.90 -2.93 -1.02
C ASP C 289 27.78 -4.18 -0.14
N LEU C 290 28.05 -4.01 1.14
CA LEU C 290 28.03 -5.13 2.07
C LEU C 290 26.95 -4.92 3.09
N PRO C 291 25.94 -5.80 3.14
CA PRO C 291 24.83 -5.51 4.04
C PRO C 291 25.23 -5.67 5.51
N LEU C 292 24.47 -5.09 6.44
CA LEU C 292 24.80 -5.21 7.85
C LEU C 292 23.53 -5.28 8.68
N VAL C 293 23.72 -5.64 9.95
CA VAL C 293 22.66 -5.72 10.89
C VAL C 293 23.14 -4.77 11.92
N ILE C 294 22.29 -3.88 12.42
CA ILE C 294 22.83 -3.01 13.46
C ILE C 294 21.90 -2.92 14.61
N GLY C 295 22.31 -3.53 15.69
CA GLY C 295 21.48 -3.53 16.87
C GLY C 295 21.88 -2.52 17.92
N SER C 296 20.98 -2.28 18.87
CA SER C 296 21.24 -1.36 19.95
C SER C 296 21.61 -2.06 21.26
N ARG C 297 22.13 -1.25 22.20
CA ARG C 297 22.56 -1.71 23.53
C ARG C 297 21.36 -1.79 24.39
N MET D 1 71.13 -7.25 -9.53
CA MET D 1 70.22 -8.05 -8.65
C MET D 1 69.58 -7.18 -7.62
N VAL D 2 68.34 -7.51 -7.22
CA VAL D 2 67.69 -6.84 -6.11
C VAL D 2 67.71 -7.67 -4.80
N LYS D 3 68.09 -7.07 -3.67
CA LYS D 3 68.08 -7.80 -2.40
C LYS D 3 66.75 -7.62 -1.70
N GLN D 4 66.20 -8.72 -1.19
CA GLN D 4 64.91 -8.77 -0.56
C GLN D 4 64.98 -8.46 0.96
N ILE D 5 64.45 -7.32 1.42
CA ILE D 5 64.54 -7.10 2.84
C ILE D 5 63.48 -7.91 3.58
N GLU D 6 63.88 -8.66 4.58
CA GLU D 6 62.86 -9.44 5.22
C GLU D 6 62.40 -8.81 6.52
N SER D 7 63.07 -7.74 6.97
CA SER D 7 62.76 -7.13 8.26
C SER D 7 63.41 -5.79 8.54
N LYS D 8 63.00 -5.17 9.65
CA LYS D 8 63.58 -3.93 10.12
C LYS D 8 65.07 -4.08 10.37
N THR D 9 65.47 -5.18 10.96
CA THR D 9 66.89 -5.47 11.08
C THR D 9 67.57 -5.50 9.71
N ALA D 10 67.11 -6.37 8.81
CA ALA D 10 67.77 -6.55 7.49
C ALA D 10 67.93 -5.19 6.87
N PHE D 11 66.94 -4.35 7.11
CA PHE D 11 66.91 -3.01 6.59
C PHE D 11 68.03 -2.16 7.07
N GLN D 12 68.24 -2.14 8.38
CA GLN D 12 69.28 -1.34 8.98
C GLN D 12 70.66 -1.77 8.48
N GLU D 13 70.89 -3.07 8.48
CA GLU D 13 72.13 -3.60 8.04
C GLU D 13 72.37 -3.18 6.62
N ALA D 14 71.38 -3.35 5.76
CA ALA D 14 71.51 -2.86 4.40
C ALA D 14 71.98 -1.39 4.38
N LEU D 15 71.26 -0.50 5.06
CA LEU D 15 71.49 0.95 5.00
C LEU D 15 72.92 1.42 5.34
N ASP D 16 73.56 0.71 6.27
CA ASP D 16 74.83 1.09 6.83
C ASP D 16 75.95 0.34 6.12
N ALA D 17 75.69 -0.93 5.76
CA ALA D 17 76.66 -1.71 5.00
C ALA D 17 76.80 -1.10 3.61
N ALA D 18 75.78 -0.35 3.19
CA ALA D 18 75.90 0.50 2.01
C ALA D 18 77.05 1.44 2.34
N GLY D 19 77.53 2.22 1.40
CA GLY D 19 78.70 2.99 1.82
C GLY D 19 78.34 4.43 1.73
N ASP D 20 79.12 5.15 0.94
CA ASP D 20 78.57 6.36 0.38
C ASP D 20 77.50 6.02 -0.72
N LYS D 21 77.26 4.74 -0.97
CA LYS D 21 76.53 4.37 -2.18
C LYS D 21 75.03 4.73 -2.17
N LEU D 22 74.44 4.91 -3.35
CA LEU D 22 73.02 5.19 -3.39
C LEU D 22 72.25 3.87 -3.25
N VAL D 23 71.24 3.87 -2.37
CA VAL D 23 70.35 2.75 -2.16
C VAL D 23 68.97 3.09 -2.72
N VAL D 24 68.43 2.23 -3.58
CA VAL D 24 67.07 2.45 -3.93
C VAL D 24 66.21 1.28 -3.36
N VAL D 25 64.97 1.55 -2.92
CA VAL D 25 64.08 0.57 -2.26
C VAL D 25 62.77 0.65 -2.95
N ASP D 26 62.32 -0.46 -3.48
CA ASP D 26 61.03 -0.47 -4.12
C ASP D 26 60.07 -1.08 -3.12
N PHE D 27 59.26 -0.23 -2.49
CA PHE D 27 58.21 -0.73 -1.61
C PHE D 27 57.14 -1.21 -2.51
N SER D 28 56.87 -2.50 -2.34
CA SER D 28 56.14 -3.33 -3.25
C SER D 28 55.08 -4.21 -2.52
N ALA D 29 54.21 -4.83 -3.35
CA ALA D 29 53.24 -5.80 -2.87
C ALA D 29 53.01 -6.83 -3.98
N THR D 30 52.81 -8.12 -3.65
CA THR D 30 52.81 -9.12 -4.73
C THR D 30 51.51 -9.20 -5.53
N TRP D 31 50.44 -8.53 -5.03
CA TRP D 31 49.10 -8.53 -5.68
C TRP D 31 48.81 -7.31 -6.58
N CYS D 32 49.67 -6.29 -6.48
CA CYS D 32 49.60 -4.98 -7.18
C CYS D 32 50.09 -5.00 -8.65
N GLY D 33 49.17 -4.82 -9.59
CA GLY D 33 49.52 -4.87 -10.99
C GLY D 33 50.71 -3.98 -11.23
N PRO D 34 50.59 -2.67 -10.91
CA PRO D 34 51.71 -1.76 -11.18
C PRO D 34 52.99 -2.19 -10.50
N ALA D 35 52.95 -2.52 -9.22
CA ALA D 35 54.18 -3.09 -8.62
C ALA D 35 54.73 -4.31 -9.41
N LYS D 36 53.88 -5.25 -9.80
CA LYS D 36 54.30 -6.37 -10.66
C LYS D 36 54.90 -5.91 -11.98
N MET D 37 54.28 -4.92 -12.61
CA MET D 37 54.76 -4.49 -13.91
C MET D 37 56.22 -4.03 -13.83
N ILE D 38 56.55 -3.19 -12.87
CA ILE D 38 57.84 -2.53 -12.87
C ILE D 38 58.95 -3.42 -12.29
N LYS D 39 58.58 -4.56 -11.72
CA LYS D 39 59.62 -5.41 -11.11
C LYS D 39 60.75 -5.78 -12.04
N PRO D 40 60.42 -6.32 -13.22
CA PRO D 40 61.53 -6.66 -14.10
C PRO D 40 62.40 -5.44 -14.41
N PHE D 41 61.81 -4.25 -14.47
CA PHE D 41 62.59 -3.11 -14.85
C PHE D 41 63.42 -2.76 -13.70
N PHE D 42 62.88 -2.86 -12.50
CA PHE D 42 63.71 -2.51 -11.34
C PHE D 42 64.93 -3.34 -11.39
N HIS D 43 64.73 -4.61 -11.72
CA HIS D 43 65.80 -5.60 -11.83
C HIS D 43 66.84 -5.41 -12.95
N SER D 44 66.40 -5.06 -14.16
CA SER D 44 67.34 -4.78 -15.22
C SER D 44 68.29 -3.62 -14.81
N LEU D 45 67.68 -2.56 -14.26
CA LEU D 45 68.38 -1.45 -13.66
C LEU D 45 69.42 -1.88 -12.64
N SER D 46 69.04 -2.77 -11.73
CA SER D 46 69.99 -3.23 -10.71
C SER D 46 71.23 -3.86 -11.36
N GLU D 47 71.00 -4.68 -12.40
CA GLU D 47 72.12 -5.23 -13.15
C GLU D 47 72.86 -4.09 -13.82
N LYS D 48 72.19 -3.12 -14.41
CA LYS D 48 73.00 -2.03 -15.04
C LYS D 48 73.74 -1.12 -14.08
N TYR D 49 73.06 -0.54 -13.11
CA TYR D 49 73.72 0.39 -12.21
C TYR D 49 74.33 -0.32 -11.05
N SER D 50 75.38 -1.06 -11.32
CA SER D 50 75.97 -1.95 -10.35
C SER D 50 76.65 -1.26 -9.17
N ASN D 51 76.72 0.09 -9.23
CA ASN D 51 77.25 0.93 -8.14
C ASN D 51 76.18 1.55 -7.26
N VAL D 52 74.96 1.09 -7.40
CA VAL D 52 73.83 1.60 -6.67
C VAL D 52 73.36 0.31 -6.04
N ILE D 53 72.78 0.40 -4.85
CA ILE D 53 72.25 -0.79 -4.16
C ILE D 53 70.73 -0.77 -4.19
N PHE D 54 70.17 -1.95 -4.45
CA PHE D 54 68.79 -2.10 -4.80
C PHE D 54 68.09 -3.03 -3.84
N LEU D 55 67.11 -2.50 -3.14
CA LEU D 55 66.41 -3.33 -2.18
C LEU D 55 64.97 -3.41 -2.60
N GLU D 56 64.32 -4.49 -2.18
CA GLU D 56 62.88 -4.55 -2.26
C GLU D 56 62.30 -4.83 -0.87
N VAL D 57 61.14 -4.20 -0.61
CA VAL D 57 60.39 -4.44 0.59
C VAL D 57 58.93 -4.75 0.31
N ASP D 58 58.48 -5.91 0.79
CA ASP D 58 57.08 -6.20 0.71
C ASP D 58 56.34 -5.54 1.85
N VAL D 59 55.46 -4.61 1.48
CA VAL D 59 54.68 -3.87 2.49
C VAL D 59 53.77 -4.80 3.26
N ASP D 60 53.44 -5.97 2.71
CA ASP D 60 52.59 -6.89 3.48
C ASP D 60 53.45 -7.72 4.42
N ASP D 61 54.64 -8.10 3.98
CA ASP D 61 55.52 -8.85 4.85
C ASP D 61 56.05 -7.98 5.97
N CYS D 62 56.53 -6.79 5.62
CA CYS D 62 57.05 -5.89 6.63
C CYS D 62 56.25 -4.63 6.73
N GLN D 63 55.02 -4.69 7.23
CA GLN D 63 54.34 -3.41 7.38
C GLN D 63 55.08 -2.44 8.29
N ASP D 64 56.04 -2.93 9.05
CA ASP D 64 56.66 -2.03 10.03
C ASP D 64 57.72 -1.17 9.40
N VAL D 65 58.49 -1.78 8.49
CA VAL D 65 59.43 -1.02 7.64
C VAL D 65 58.57 -0.05 6.86
N ALA D 66 57.54 -0.58 6.21
CA ALA D 66 56.52 0.20 5.49
C ALA D 66 55.99 1.48 6.18
N SER D 67 55.63 1.40 7.44
CA SER D 67 55.05 2.58 8.05
C SER D 67 56.11 3.42 8.72
N GLU D 68 57.25 2.82 9.00
CA GLU D 68 58.27 3.62 9.56
C GLU D 68 58.78 4.53 8.46
N CYS D 69 58.81 3.98 7.24
CA CYS D 69 59.10 4.74 6.07
C CYS D 69 57.91 5.51 5.50
N GLU D 70 56.73 5.36 6.08
CA GLU D 70 55.58 6.19 5.64
C GLU D 70 55.11 5.87 4.20
N VAL D 71 55.34 4.64 3.77
CA VAL D 71 54.82 4.23 2.49
C VAL D 71 53.29 4.25 2.51
N LYS D 72 52.69 4.80 1.46
CA LYS D 72 51.24 4.90 1.43
C LYS D 72 50.57 4.16 0.28
N CYS D 73 51.32 3.94 -0.77
CA CYS D 73 50.83 3.22 -1.88
C CYS D 73 52.00 2.55 -2.48
N MET D 74 51.73 1.70 -3.45
CA MET D 74 52.78 0.99 -4.12
C MET D 74 52.56 1.05 -5.65
N PRO D 75 53.65 0.95 -6.44
CA PRO D 75 55.01 0.96 -5.90
C PRO D 75 55.41 2.36 -5.47
N THR D 76 56.07 2.47 -4.31
CA THR D 76 56.78 3.69 -3.90
C THR D 76 58.30 3.43 -3.80
N PHE D 77 59.09 4.38 -4.31
CA PHE D 77 60.55 4.25 -4.39
C PHE D 77 61.25 5.26 -3.54
N GLN D 78 62.13 4.80 -2.65
CA GLN D 78 62.79 5.72 -1.78
C GLN D 78 64.28 5.53 -1.94
N PHE D 79 64.99 6.64 -1.69
CA PHE D 79 66.37 6.76 -2.09
C PHE D 79 67.19 7.20 -0.94
N PHE D 80 68.23 6.44 -0.67
CA PHE D 80 68.99 6.73 0.53
C PHE D 80 70.48 6.92 0.28
N LYS D 81 71.17 7.34 1.34
CA LYS D 81 72.60 7.75 1.37
C LYS D 81 72.94 7.94 2.84
N LYS D 82 73.89 7.16 3.33
CA LYS D 82 74.39 7.32 4.69
C LYS D 82 73.28 7.22 5.75
N GLY D 83 72.26 6.40 5.46
CA GLY D 83 71.12 6.17 6.37
C GLY D 83 69.93 7.10 6.20
N GLN D 84 70.02 8.00 5.21
CA GLN D 84 69.22 9.22 5.13
C GLN D 84 68.54 9.43 3.78
N LYS D 85 67.24 9.76 3.78
CA LYS D 85 66.45 9.85 2.53
C LYS D 85 66.69 11.10 1.71
N VAL D 86 67.02 10.90 0.43
CA VAL D 86 67.33 12.02 -0.45
C VAL D 86 66.36 12.09 -1.62
N GLY D 87 65.47 11.12 -1.66
CA GLY D 87 64.59 11.04 -2.79
C GLY D 87 63.42 10.14 -2.51
N GLU D 88 62.36 10.41 -3.26
CA GLU D 88 61.13 9.65 -3.18
C GLU D 88 60.14 10.02 -4.24
N PHE D 89 59.49 9.01 -4.79
CA PHE D 89 58.31 9.24 -5.58
C PHE D 89 57.58 7.98 -5.66
N SER D 90 56.35 8.06 -6.18
CA SER D 90 55.53 6.87 -6.28
C SER D 90 55.02 6.57 -7.69
N GLY D 91 54.73 5.30 -7.95
CA GLY D 91 54.10 4.93 -9.20
C GLY D 91 54.95 4.13 -10.13
N ALA D 92 54.32 3.27 -10.92
CA ALA D 92 55.10 2.39 -11.76
C ALA D 92 55.62 3.13 -13.01
N ASN D 93 56.72 3.88 -12.85
CA ASN D 93 57.23 4.74 -13.92
C ASN D 93 58.74 4.56 -14.24
N LYS D 94 59.05 3.65 -15.16
CA LYS D 94 60.44 3.32 -15.52
C LYS D 94 61.27 4.58 -15.73
N GLU D 95 60.76 5.48 -16.56
CA GLU D 95 61.50 6.66 -16.96
C GLU D 95 61.81 7.49 -15.73
N LYS D 96 60.80 7.77 -14.92
CA LYS D 96 61.01 8.60 -13.72
C LYS D 96 62.04 7.99 -12.76
N LEU D 97 61.90 6.68 -12.60
CA LEU D 97 62.83 5.82 -11.89
C LEU D 97 64.28 5.95 -12.36
N GLU D 98 64.49 5.86 -13.67
CA GLU D 98 65.89 5.95 -14.16
C GLU D 98 66.46 7.36 -13.96
N ALA D 99 65.65 8.37 -14.24
CA ALA D 99 66.04 9.76 -13.98
C ALA D 99 66.45 9.96 -12.52
N THR D 100 65.59 9.65 -11.58
CA THR D 100 65.98 9.93 -10.18
C THR D 100 67.30 9.21 -9.89
N ILE D 101 67.48 7.97 -10.43
CA ILE D 101 68.71 7.23 -10.15
C ILE D 101 69.92 8.05 -10.56
N ASN D 102 69.97 8.36 -11.87
CA ASN D 102 71.02 9.21 -12.43
C ASN D 102 71.07 10.60 -11.87
N GLU D 103 70.05 10.97 -11.13
CA GLU D 103 70.02 12.33 -10.69
C GLU D 103 70.53 12.35 -9.28
N LEU D 104 70.63 11.20 -8.67
CA LEU D 104 70.95 11.15 -7.26
C LEU D 104 72.14 10.22 -6.89
N VAL D 105 72.63 9.45 -7.88
CA VAL D 105 73.88 8.72 -7.69
C VAL D 105 74.87 9.72 -7.14
#